data_4OCM
#
_entry.id   4OCM
#
_cell.length_a   63.401
_cell.length_b   44.970
_cell.length_c   200.043
_cell.angle_alpha   90.000
_cell.angle_beta   98.400
_cell.angle_gamma   90.000
#
_symmetry.space_group_name_H-M   'P 1 2 1'
#
loop_
_entity.id
_entity.type
_entity.pdbx_description
1 polymer '26S proteasome regulatory subunit RPN8'
2 polymer '26S proteasome regulatory subunit RPN11'
3 polymer Nb1
4 non-polymer 'ZINC ION'
5 non-polymer 'POTASSIUM ION'
6 water water
#
loop_
_entity_poly.entity_id
_entity_poly.type
_entity_poly.pdbx_seq_one_letter_code
_entity_poly.pdbx_strand_id
1 'polypeptide(L)'
;GHMSLQHEKVTIAPLVLLSALDHYERTQTKENKRCVGVILGDANSSTIRVTNSFALPFEEDEKNSDVWFLDHNYIENMNE
MCKKINAKEKLIGWYHSGPKLRASDLKINELFKKYTQNNPLLLIVDVKQQGVGLPTDAYVAIEQVKDDGTSTEKTFLHLP
CTIEAEEAEEIGVEHLLRGSGGSGGSG
;
A,D
2 'polypeptide(L)'
;MERLQRLMMNSKVGSADTGRDDTKETVYISSIALLKMLKHGRAGVPMEVMGLMLGEFVDDYTVNVVDVFAMPQSGTGVSV
EAVDDVFQAKMMDMLKQTGRDQMVVGWYHSHPGFGCWLSSVDVNTQKSFEQLNSRAVAVVVDPIQSVKGKVVIDAFRLID
TGALINNLEPRQTTSNTGLLNKANIQALIHGLNRHYYSLNIDYHKTAKETKMLMNLHKEQ
;
B,E
3 'polypeptide(L)'
;MQVQLQESGGGLVPAGGSLRLSCVDSGRTFSSTVMAWFRQAPGKEREFVATIRWSGGNTYYADSVKGRFTISRDNARNTV
YLQMNSLKPEDTAVYYCAGGTYYGTLSYKYDFWGRGTQVTVSSHHHHHHEPEA
;
C,F
#
loop_
_chem_comp.id
_chem_comp.type
_chem_comp.name
_chem_comp.formula
K non-polymer 'POTASSIUM ION' 'K 1'
ZN non-polymer 'ZINC ION' 'Zn 2'
#
# COMPACT_ATOMS: atom_id res chain seq x y z
N HIS A 7 -43.46 8.60 30.22
CA HIS A 7 -44.26 8.03 29.10
C HIS A 7 -43.61 6.78 28.49
N GLU A 8 -44.35 6.19 27.55
CA GLU A 8 -44.00 4.92 26.96
C GLU A 8 -43.01 5.12 25.79
N LYS A 9 -41.76 4.64 25.92
CA LYS A 9 -40.83 4.67 24.79
C LYS A 9 -40.37 3.28 24.41
N VAL A 10 -39.95 3.13 23.15
CA VAL A 10 -39.35 1.90 22.65
C VAL A 10 -37.93 2.20 22.22
N THR A 11 -37.00 1.35 22.63
CA THR A 11 -35.59 1.41 22.24
C THR A 11 -35.38 0.18 21.38
N ILE A 12 -34.86 0.37 20.15
CA ILE A 12 -34.62 -0.68 19.18
C ILE A 12 -33.11 -0.86 18.86
N ALA A 13 -32.59 -2.08 18.99
CA ALA A 13 -31.19 -2.36 18.55
C ALA A 13 -31.11 -2.47 17.02
N PRO A 14 -30.07 -1.90 16.42
CA PRO A 14 -29.84 -1.94 14.98
C PRO A 14 -29.93 -3.32 14.37
N LEU A 15 -29.41 -4.33 15.07
CA LEU A 15 -29.43 -5.70 14.58
C LEU A 15 -30.86 -6.15 14.21
N VAL A 16 -31.84 -5.64 14.93
CA VAL A 16 -33.20 -6.01 14.73
C VAL A 16 -33.69 -5.52 13.38
N LEU A 17 -33.44 -4.26 13.06
CA LEU A 17 -33.84 -3.78 11.77
C LEU A 17 -33.07 -4.44 10.58
N LEU A 18 -31.79 -4.78 10.73
CA LEU A 18 -31.07 -5.46 9.68
C LEU A 18 -31.48 -6.91 9.50
N SER A 19 -31.95 -7.52 10.55
CA SER A 19 -32.41 -8.89 10.44
C SER A 19 -33.73 -8.99 9.71
N ALA A 20 -34.62 -8.02 9.91
CA ALA A 20 -35.93 -8.04 9.26
C ALA A 20 -35.76 -7.75 7.79
N LEU A 21 -34.79 -6.88 7.48
CA LEU A 21 -34.51 -6.57 6.10
C LEU A 21 -33.88 -7.76 5.41
N ASP A 22 -32.96 -8.46 6.09
CA ASP A 22 -32.34 -9.66 5.55
C ASP A 22 -33.42 -10.76 5.43
N HIS A 23 -34.33 -10.81 6.35
CA HIS A 23 -35.44 -11.82 6.17
C HIS A 23 -36.33 -11.53 4.92
N TYR A 24 -36.75 -10.28 4.80
CA TYR A 24 -37.53 -9.85 3.68
C TYR A 24 -36.84 -10.14 2.33
N GLU A 25 -35.55 -9.85 2.25
CA GLU A 25 -34.86 -9.99 1.00
C GLU A 25 -34.56 -11.46 0.68
N ARG A 26 -34.26 -12.26 1.70
CA ARG A 26 -33.82 -13.63 1.41
C ARG A 26 -35.02 -14.51 1.03
N THR A 27 -36.23 -14.10 1.40
CA THR A 27 -37.44 -14.83 1.04
C THR A 27 -38.01 -14.31 -0.28
N GLN A 28 -37.29 -13.40 -0.91
CA GLN A 28 -37.66 -12.82 -2.21
C GLN A 28 -39.06 -12.27 -2.13
N THR A 29 -39.33 -11.56 -1.02
CA THR A 29 -40.69 -11.19 -0.68
C THR A 29 -41.24 -10.20 -1.67
N LYS A 30 -42.36 -10.64 -2.27
CA LYS A 30 -42.99 -10.13 -3.51
C LYS A 30 -43.50 -8.71 -3.35
N GLU A 31 -43.71 -8.03 -4.48
CA GLU A 31 -44.22 -6.69 -4.47
C GLU A 31 -45.61 -6.84 -3.88
N ASN A 32 -45.91 -6.06 -2.84
CA ASN A 32 -47.26 -6.10 -2.19
C ASN A 32 -47.40 -7.07 -1.00
N LYS A 33 -46.52 -8.08 -0.93
CA LYS A 33 -46.55 -9.12 0.10
C LYS A 33 -45.70 -8.69 1.31
N ARG A 34 -45.74 -9.47 2.40
CA ARG A 34 -44.95 -9.14 3.55
C ARG A 34 -44.29 -10.32 4.27
N CYS A 35 -43.24 -10.03 5.03
CA CYS A 35 -42.72 -11.01 5.96
C CYS A 35 -43.07 -10.63 7.42
N VAL A 36 -43.07 -11.63 8.29
CA VAL A 36 -43.46 -11.48 9.67
C VAL A 36 -42.45 -12.30 10.52
N GLY A 37 -42.13 -11.80 11.69
CA GLY A 37 -41.35 -12.55 12.67
C GLY A 37 -41.60 -12.07 14.09
N VAL A 38 -40.77 -12.55 14.99
CA VAL A 38 -40.91 -12.29 16.40
C VAL A 38 -39.82 -11.35 16.91
N ILE A 39 -40.12 -10.50 17.89
CA ILE A 39 -39.07 -9.65 18.51
C ILE A 39 -38.97 -10.06 19.94
N LEU A 40 -37.73 -9.96 20.45
CA LEU A 40 -37.31 -10.34 21.78
C LEU A 40 -36.67 -9.12 22.44
N GLY A 41 -36.73 -9.10 23.76
CA GLY A 41 -36.02 -8.08 24.50
C GLY A 41 -36.49 -8.07 25.95
N ASP A 42 -36.69 -6.85 26.44
CA ASP A 42 -37.06 -6.60 27.87
C ASP A 42 -38.23 -5.61 27.99
N ALA A 43 -39.38 -6.12 28.38
CA ALA A 43 -40.55 -5.25 28.55
C ALA A 43 -40.81 -4.86 30.01
N ASN A 44 -39.91 -5.26 30.92
CA ASN A 44 -40.15 -5.09 32.33
C ASN A 44 -39.94 -3.65 32.87
N SER A 45 -39.77 -2.69 31.97
CA SER A 45 -39.61 -1.26 32.32
C SER A 45 -40.51 -0.37 31.50
N SER A 46 -40.50 0.92 31.82
CA SER A 46 -41.35 1.89 31.14
C SER A 46 -40.91 2.09 29.70
N THR A 47 -39.61 1.92 29.43
CA THR A 47 -39.09 1.83 28.05
C THR A 47 -38.77 0.38 27.68
N ILE A 48 -39.47 -0.10 26.66
CA ILE A 48 -39.35 -1.45 26.20
C ILE A 48 -38.10 -1.61 25.36
N ARG A 49 -37.16 -2.43 25.74
CA ARG A 49 -35.96 -2.53 24.93
C ARG A 49 -36.04 -3.73 23.96
N VAL A 50 -35.96 -3.49 22.65
CA VAL A 50 -35.97 -4.55 21.61
C VAL A 50 -34.57 -4.80 21.14
N THR A 51 -34.07 -6.01 21.37
CA THR A 51 -32.65 -6.31 21.12
C THR A 51 -32.45 -7.48 20.21
N ASN A 52 -33.50 -8.25 19.98
CA ASN A 52 -33.32 -9.38 19.03
C ASN A 52 -34.58 -9.73 18.26
N SER A 53 -34.46 -10.63 17.26
CA SER A 53 -35.62 -11.09 16.49
C SER A 53 -35.36 -12.42 15.80
N PHE A 54 -36.44 -13.16 15.49
CA PHE A 54 -36.30 -14.27 14.55
C PHE A 54 -37.45 -14.32 13.50
N ALA A 55 -37.18 -14.89 12.35
CA ALA A 55 -38.15 -14.92 11.29
C ALA A 55 -39.18 -16.02 11.52
N LEU A 56 -40.42 -15.83 11.04
CA LEU A 56 -41.47 -16.88 11.05
C LEU A 56 -41.90 -17.31 9.64
N PRO A 57 -42.20 -18.61 9.42
CA PRO A 57 -42.95 -19.00 8.21
C PRO A 57 -44.38 -18.46 8.33
N PHE A 58 -44.82 -17.65 7.39
CA PHE A 58 -46.11 -17.00 7.44
C PHE A 58 -46.60 -16.92 5.98
N GLU A 59 -47.87 -17.21 5.76
CA GLU A 59 -48.46 -17.05 4.45
C GLU A 59 -49.82 -16.48 4.71
N GLU A 60 -50.24 -15.62 3.80
CA GLU A 60 -51.57 -15.09 3.78
C GLU A 60 -52.08 -15.06 2.35
N ASP A 61 -53.36 -14.77 2.21
CA ASP A 61 -53.99 -14.81 0.93
C ASP A 61 -54.04 -13.36 0.42
N GLU A 62 -53.30 -13.06 -0.63
CA GLU A 62 -53.40 -11.75 -1.30
C GLU A 62 -54.85 -11.24 -1.60
N LYS A 63 -55.82 -12.13 -1.83
CA LYS A 63 -57.16 -11.72 -2.25
C LYS A 63 -58.19 -11.69 -1.10
N ASN A 64 -57.70 -11.94 0.11
CA ASN A 64 -58.56 -12.38 1.22
C ASN A 64 -57.90 -12.25 2.62
N SER A 65 -57.77 -11.01 3.08
CA SER A 65 -57.07 -10.63 4.33
C SER A 65 -57.47 -11.41 5.60
N ASP A 66 -58.54 -12.19 5.58
CA ASP A 66 -58.86 -12.90 6.81
C ASP A 66 -58.31 -14.35 6.84
N VAL A 67 -57.62 -14.73 5.77
CA VAL A 67 -56.97 -16.03 5.70
C VAL A 67 -55.46 -15.80 5.78
N TRP A 68 -54.82 -16.47 6.75
CA TRP A 68 -53.39 -16.35 7.00
C TRP A 68 -53.01 -17.46 7.96
N PHE A 69 -51.77 -17.89 7.84
CA PHE A 69 -51.23 -18.98 8.62
C PHE A 69 -49.86 -18.64 9.25
N LEU A 70 -49.73 -18.96 10.52
CA LEU A 70 -48.56 -18.61 11.31
C LEU A 70 -48.24 -19.91 12.01
N ASP A 71 -46.99 -20.30 11.96
CA ASP A 71 -46.65 -21.61 12.52
C ASP A 71 -46.41 -21.42 14.05
N HIS A 72 -47.30 -22.00 14.84
CA HIS A 72 -47.29 -21.91 16.28
C HIS A 72 -46.20 -22.79 16.84
N ASN A 73 -46.01 -23.97 16.26
CA ASN A 73 -44.93 -24.83 16.70
C ASN A 73 -43.54 -24.21 16.50
N TYR A 74 -43.40 -23.39 15.47
CA TYR A 74 -42.13 -22.79 15.16
C TYR A 74 -41.80 -21.71 16.21
N ILE A 75 -42.80 -20.98 16.72
CA ILE A 75 -42.52 -19.99 17.76
C ILE A 75 -41.97 -20.70 18.98
N GLU A 76 -42.64 -21.74 19.43
CA GLU A 76 -42.27 -22.36 20.67
C GLU A 76 -40.86 -22.97 20.51
N ASN A 77 -40.57 -23.52 19.33
CA ASN A 77 -39.38 -24.32 19.08
C ASN A 77 -38.17 -23.39 18.90
N MET A 78 -38.38 -22.26 18.23
CA MET A 78 -37.33 -21.27 18.12
C MET A 78 -37.10 -20.54 19.46
N ASN A 79 -38.17 -20.22 20.17
CA ASN A 79 -38.02 -19.51 21.39
C ASN A 79 -37.24 -20.35 22.41
N GLU A 80 -37.55 -21.64 22.48
CA GLU A 80 -36.80 -22.53 23.34
C GLU A 80 -35.28 -22.57 22.94
N MET A 81 -34.96 -22.39 21.66
CA MET A 81 -33.55 -22.32 21.28
C MET A 81 -32.89 -20.97 21.64
N CYS A 82 -33.61 -19.87 21.45
CA CYS A 82 -33.14 -18.57 21.91
C CYS A 82 -32.85 -18.56 23.46
N LYS A 83 -33.73 -19.15 24.27
CA LYS A 83 -33.48 -19.22 25.72
C LYS A 83 -32.20 -19.93 26.11
N LYS A 84 -31.75 -20.86 25.27
CA LYS A 84 -30.55 -21.58 25.57
C LYS A 84 -29.32 -20.66 25.34
N ILE A 85 -29.46 -19.66 24.48
CA ILE A 85 -28.42 -18.65 24.22
C ILE A 85 -28.46 -17.48 25.20
N ASN A 86 -29.65 -16.87 25.31
CA ASN A 86 -29.85 -15.75 26.25
C ASN A 86 -31.16 -15.87 27.04
N ALA A 87 -31.07 -16.28 28.30
CA ALA A 87 -32.25 -16.37 29.19
C ALA A 87 -33.03 -15.05 29.42
N LYS A 88 -32.32 -13.93 29.54
CA LYS A 88 -32.99 -12.64 29.78
C LYS A 88 -33.62 -11.99 28.52
N GLU A 89 -33.51 -12.61 27.37
CA GLU A 89 -34.10 -12.04 26.16
C GLU A 89 -35.50 -12.60 25.85
N LYS A 90 -36.55 -11.99 26.41
CA LYS A 90 -37.89 -12.55 26.35
C LYS A 90 -38.62 -12.24 25.07
N LEU A 91 -39.60 -13.09 24.76
CA LEU A 91 -40.49 -12.82 23.68
C LEU A 91 -41.44 -11.68 24.10
N ILE A 92 -41.42 -10.58 23.34
CA ILE A 92 -42.15 -9.35 23.65
C ILE A 92 -43.09 -8.81 22.56
N GLY A 93 -43.13 -9.44 21.39
CA GLY A 93 -44.00 -8.96 20.32
C GLY A 93 -43.61 -9.44 18.93
N TRP A 94 -43.92 -8.65 17.90
CA TRP A 94 -43.73 -9.17 16.56
C TRP A 94 -43.46 -8.03 15.63
N TYR A 95 -42.98 -8.37 14.44
CA TYR A 95 -42.65 -7.41 13.41
C TYR A 95 -43.26 -7.85 12.06
N HIS A 96 -43.60 -6.89 11.22
CA HIS A 96 -43.82 -7.20 9.84
C HIS A 96 -43.33 -6.07 8.99
N SER A 97 -43.08 -6.38 7.73
CA SER A 97 -42.46 -5.44 6.81
C SER A 97 -43.38 -4.43 6.20
N GLY A 98 -44.66 -4.41 6.61
CA GLY A 98 -45.53 -3.31 6.18
C GLY A 98 -45.86 -3.23 4.68
N PRO A 99 -45.93 -2.01 4.09
CA PRO A 99 -45.50 -0.70 4.60
C PRO A 99 -46.41 -0.09 5.60
N LYS A 100 -47.64 -0.59 5.69
CA LYS A 100 -48.63 0.01 6.59
C LYS A 100 -49.30 -1.09 7.42
N LEU A 101 -50.01 -0.69 8.48
CA LEU A 101 -50.84 -1.62 9.27
C LEU A 101 -51.81 -2.38 8.34
N ARG A 102 -51.99 -3.69 8.56
CA ARG A 102 -52.99 -4.46 7.77
C ARG A 102 -54.28 -4.73 8.55
N ALA A 103 -55.30 -5.16 7.81
CA ALA A 103 -56.63 -5.37 8.39
C ALA A 103 -56.57 -6.53 9.38
N SER A 104 -55.70 -7.49 9.12
CA SER A 104 -55.63 -8.68 9.98
C SER A 104 -54.72 -8.50 11.19
N ASP A 105 -54.08 -7.34 11.28
CA ASP A 105 -53.02 -7.19 12.28
C ASP A 105 -53.52 -7.36 13.73
N LEU A 106 -54.71 -6.83 14.05
CA LEU A 106 -55.24 -6.98 15.42
C LEU A 106 -55.52 -8.44 15.75
N LYS A 107 -55.96 -9.22 14.76
CA LYS A 107 -56.20 -10.64 14.98
C LYS A 107 -54.91 -11.39 15.23
N ILE A 108 -53.89 -11.12 14.41
CA ILE A 108 -52.60 -11.71 14.58
C ILE A 108 -52.00 -11.36 15.95
N ASN A 109 -52.09 -10.09 16.32
CA ASN A 109 -51.65 -9.58 17.61
C ASN A 109 -52.26 -10.35 18.76
N GLU A 110 -53.56 -10.64 18.68
CA GLU A 110 -54.21 -11.51 19.64
C GLU A 110 -53.49 -12.84 19.81
N LEU A 111 -53.00 -13.45 18.74
CA LEU A 111 -52.38 -14.74 18.92
C LEU A 111 -51.09 -14.62 19.70
N PHE A 112 -50.41 -13.49 19.54
CA PHE A 112 -49.11 -13.29 20.13
C PHE A 112 -49.21 -13.02 21.64
N LYS A 113 -50.36 -12.50 22.11
CA LYS A 113 -50.63 -12.46 23.54
C LYS A 113 -50.31 -13.76 24.27
N LYS A 114 -50.35 -14.88 23.56
CA LYS A 114 -50.22 -16.14 24.30
C LYS A 114 -48.77 -16.50 24.50
N TYR A 115 -47.90 -15.84 23.73
CA TYR A 115 -46.47 -16.03 23.88
C TYR A 115 -45.69 -14.95 24.66
N THR A 116 -46.30 -13.80 24.94
CA THR A 116 -45.62 -12.70 25.60
C THR A 116 -46.08 -12.62 27.04
N GLN A 117 -45.38 -11.85 27.89
CA GLN A 117 -46.00 -11.45 29.17
C GLN A 117 -46.14 -9.94 29.24
N ASN A 118 -46.55 -9.33 28.16
CA ASN A 118 -46.77 -7.91 28.14
C ASN A 118 -47.83 -7.69 27.08
N ASN A 119 -48.35 -6.49 26.99
CA ASN A 119 -49.14 -6.17 25.80
C ASN A 119 -48.24 -6.17 24.55
N PRO A 120 -48.46 -7.10 23.56
CA PRO A 120 -47.45 -7.31 22.50
C PRO A 120 -47.11 -5.99 21.75
N LEU A 121 -45.85 -5.84 21.41
CA LEU A 121 -45.36 -4.67 20.70
C LEU A 121 -45.36 -5.10 19.23
N LEU A 122 -45.96 -4.32 18.34
CA LEU A 122 -45.83 -4.55 16.88
C LEU A 122 -44.94 -3.44 16.31
N LEU A 123 -43.86 -3.84 15.67
CA LEU A 123 -42.91 -2.98 14.99
C LEU A 123 -43.15 -3.16 13.49
N ILE A 124 -43.44 -2.09 12.79
CA ILE A 124 -43.51 -2.19 11.37
C ILE A 124 -42.20 -1.66 10.82
N VAL A 125 -41.43 -2.55 10.22
CA VAL A 125 -40.14 -2.21 9.58
C VAL A 125 -40.27 -1.87 8.09
N ASP A 126 -39.92 -0.64 7.73
CA ASP A 126 -39.80 -0.24 6.33
C ASP A 126 -38.54 -0.79 5.67
N VAL A 127 -38.74 -1.79 4.83
CA VAL A 127 -37.66 -2.43 4.07
C VAL A 127 -37.64 -1.87 2.63
N LYS A 128 -38.37 -0.81 2.39
CA LYS A 128 -38.39 -0.22 1.06
C LYS A 128 -37.57 1.05 1.00
N GLN A 129 -37.10 1.52 2.16
CA GLN A 129 -36.11 2.60 2.21
C GLN A 129 -36.71 3.87 1.64
N GLN A 130 -38.03 4.00 1.65
CA GLN A 130 -38.65 5.07 0.85
C GLN A 130 -38.81 6.32 1.69
N GLY A 131 -37.73 6.71 2.37
CA GLY A 131 -37.86 7.36 3.65
C GLY A 131 -36.66 7.98 4.33
N VAL A 132 -36.98 9.08 4.98
CA VAL A 132 -36.03 10.08 5.32
C VAL A 132 -35.29 9.87 6.66
N GLY A 133 -35.83 9.03 7.57
CA GLY A 133 -35.25 8.73 8.90
C GLY A 133 -35.40 7.30 9.50
N LEU A 134 -35.89 7.21 10.76
CA LEU A 134 -36.04 5.90 11.42
C LEU A 134 -37.09 4.97 10.77
N PRO A 135 -36.63 3.79 10.28
CA PRO A 135 -37.37 2.91 9.34
C PRO A 135 -38.17 1.81 10.05
N THR A 136 -38.82 2.21 11.14
CA THR A 136 -39.66 1.36 11.96
C THR A 136 -40.57 2.22 12.83
N ASP A 137 -41.85 1.86 12.86
CA ASP A 137 -42.86 2.51 13.67
C ASP A 137 -43.32 1.50 14.70
N ALA A 138 -43.60 1.88 15.96
CA ALA A 138 -44.00 0.87 16.94
C ALA A 138 -45.46 1.08 17.37
N TYR A 139 -46.20 -0.04 17.51
CA TYR A 139 -47.59 0.01 17.88
C TYR A 139 -47.87 -0.94 19.03
N VAL A 140 -48.92 -0.60 19.77
CA VAL A 140 -49.45 -1.42 20.85
C VAL A 140 -50.99 -1.42 20.78
N ALA A 141 -51.63 -2.57 20.97
CA ALA A 141 -53.11 -2.62 20.98
C ALA A 141 -53.71 -2.15 22.30
N ILE A 142 -54.63 -1.20 22.23
CA ILE A 142 -55.39 -0.82 23.42
C ILE A 142 -56.86 -0.60 23.06
N GLU A 143 -57.72 -0.71 24.09
CA GLU A 143 -59.18 -0.65 23.98
C GLU A 143 -59.64 0.78 23.79
N GLN A 144 -59.01 1.69 24.55
CA GLN A 144 -59.46 3.09 24.72
C GLN A 144 -60.58 3.54 23.77
N LYS A 154 -60.92 -1.99 20.23
CA LYS A 154 -59.47 -2.25 20.26
C LYS A 154 -58.83 -1.57 19.06
N THR A 155 -57.68 -0.96 19.24
CA THR A 155 -57.02 -0.25 18.15
C THR A 155 -55.53 -0.06 18.41
N PHE A 156 -54.74 0.21 17.39
CA PHE A 156 -53.28 0.37 17.59
C PHE A 156 -52.81 1.80 18.00
N LEU A 157 -52.14 1.92 19.15
CA LEU A 157 -51.56 3.19 19.60
C LEU A 157 -50.11 3.30 19.10
N HIS A 158 -49.79 4.37 18.37
CA HIS A 158 -48.43 4.58 17.87
C HIS A 158 -47.54 4.97 19.07
N LEU A 159 -46.37 4.35 19.19
CA LEU A 159 -45.42 4.67 20.29
C LEU A 159 -44.13 5.39 19.82
N PRO A 160 -43.54 6.29 20.65
CA PRO A 160 -42.19 6.81 20.39
C PRO A 160 -41.09 5.74 20.39
N CYS A 161 -40.25 5.76 19.38
CA CYS A 161 -39.14 4.84 19.38
C CYS A 161 -37.79 5.40 18.86
N THR A 162 -36.72 4.86 19.41
CA THR A 162 -35.37 5.41 19.29
C THR A 162 -34.39 4.23 19.12
N ILE A 163 -33.11 4.50 18.82
CA ILE A 163 -32.12 3.44 18.65
C ILE A 163 -31.29 3.30 19.91
N GLU A 164 -31.13 2.07 20.38
CA GLU A 164 -30.16 1.79 21.43
C GLU A 164 -29.58 0.40 21.24
N ALA A 165 -28.26 0.31 21.23
CA ALA A 165 -27.65 -0.98 21.48
C ALA A 165 -26.40 -0.81 22.34
N GLU A 166 -26.01 -1.93 22.95
CA GLU A 166 -24.87 -1.92 23.85
C GLU A 166 -23.65 -1.39 23.11
N GLU A 167 -22.60 -1.06 23.84
CA GLU A 167 -21.44 -0.45 23.21
C GLU A 167 -20.88 -1.30 22.07
N ALA A 168 -20.95 -2.63 22.19
CA ALA A 168 -20.30 -3.55 21.23
C ALA A 168 -20.92 -3.41 19.84
N GLU A 169 -22.25 -3.43 19.75
CA GLU A 169 -22.93 -3.26 18.49
C GLU A 169 -22.76 -1.88 17.87
N GLU A 170 -22.67 -0.83 18.70
CA GLU A 170 -22.53 0.54 18.22
C GLU A 170 -21.20 0.80 17.49
N ILE A 171 -20.13 0.18 17.99
CA ILE A 171 -18.82 0.13 17.31
C ILE A 171 -18.92 -0.69 15.99
N GLY A 172 -19.64 -1.80 16.03
CA GLY A 172 -19.92 -2.61 14.81
C GLY A 172 -20.49 -1.83 13.63
N VAL A 173 -21.55 -1.09 13.91
CA VAL A 173 -22.22 -0.20 12.99
C VAL A 173 -21.32 0.83 12.40
N GLU A 174 -20.57 1.53 13.24
CA GLU A 174 -19.58 2.50 12.76
C GLU A 174 -18.49 1.86 11.89
N HIS A 175 -18.09 0.64 12.24
CA HIS A 175 -17.09 -0.07 11.43
C HIS A 175 -17.63 -0.47 10.05
N LEU A 176 -18.91 -0.83 10.02
CA LEU A 176 -19.60 -1.16 8.79
C LEU A 176 -19.77 0.06 7.86
N LEU A 177 -20.02 1.23 8.42
CA LEU A 177 -20.03 2.40 7.58
C LEU A 177 -18.65 2.84 7.13
N ARG A 178 -17.64 2.76 8.00
CA ARG A 178 -16.33 3.35 7.70
C ARG A 178 -15.53 2.51 6.74
N GLY A 179 -15.90 1.24 6.61
CA GLY A 179 -15.04 0.18 6.02
C GLY A 179 -14.87 0.29 4.51
N THR B 23 -3.57 -12.21 -5.50
CA THR B 23 -4.77 -12.01 -4.63
C THR B 23 -4.75 -12.85 -3.35
N LYS B 24 -5.05 -12.16 -2.25
CA LYS B 24 -5.14 -12.80 -0.96
C LYS B 24 -6.52 -13.49 -0.86
N GLU B 25 -6.57 -14.57 -0.08
CA GLU B 25 -7.82 -15.16 0.31
C GLU B 25 -8.50 -14.27 1.32
N THR B 26 -9.80 -13.98 1.07
CA THR B 26 -10.56 -13.01 1.87
C THR B 26 -11.90 -13.52 2.34
N VAL B 27 -12.17 -13.25 3.61
CA VAL B 27 -13.43 -13.54 4.22
C VAL B 27 -14.23 -12.24 4.22
N TYR B 28 -15.37 -12.33 3.53
CA TYR B 28 -16.30 -11.22 3.46
C TYR B 28 -17.42 -11.39 4.49
N ILE B 29 -17.52 -10.51 5.48
CA ILE B 29 -18.47 -10.72 6.58
C ILE B 29 -19.66 -9.81 6.39
N SER B 30 -20.88 -10.35 6.43
CA SER B 30 -22.08 -9.51 6.28
C SER B 30 -22.34 -8.70 7.52
N SER B 31 -23.09 -7.60 7.35
CA SER B 31 -23.54 -6.78 8.48
C SER B 31 -24.10 -7.57 9.65
N ILE B 32 -25.07 -8.43 9.41
CA ILE B 32 -25.68 -9.19 10.51
C ILE B 32 -24.77 -10.22 11.10
N ALA B 33 -23.87 -10.79 10.33
CA ALA B 33 -22.96 -11.72 10.92
C ALA B 33 -22.02 -11.02 11.92
N LEU B 34 -21.49 -9.85 11.56
CA LEU B 34 -20.58 -9.10 12.41
C LEU B 34 -21.29 -8.69 13.69
N LEU B 35 -22.48 -8.11 13.57
CA LEU B 35 -23.20 -7.68 14.71
C LEU B 35 -23.64 -8.78 15.63
N LYS B 36 -24.03 -9.92 15.07
CA LYS B 36 -24.41 -11.08 15.94
C LYS B 36 -23.22 -11.67 16.68
N MET B 37 -22.05 -11.72 16.04
CA MET B 37 -20.83 -12.11 16.70
C MET B 37 -20.39 -11.14 17.78
N LEU B 38 -20.51 -9.85 17.53
CA LEU B 38 -20.16 -8.90 18.57
C LEU B 38 -21.12 -8.99 19.75
N LYS B 39 -22.41 -9.15 19.48
CA LYS B 39 -23.36 -9.10 20.54
C LYS B 39 -23.26 -10.38 21.37
N HIS B 40 -23.09 -11.52 20.71
CA HIS B 40 -22.91 -12.81 21.42
C HIS B 40 -21.61 -12.82 22.25
N GLY B 41 -20.53 -12.39 21.65
CA GLY B 41 -19.28 -12.43 22.37
C GLY B 41 -19.34 -11.54 23.62
N ARG B 42 -19.99 -10.37 23.50
CA ARG B 42 -20.06 -9.42 24.59
C ARG B 42 -20.94 -9.95 25.71
N ALA B 43 -22.05 -10.60 25.32
CA ALA B 43 -22.91 -11.33 26.26
C ALA B 43 -22.17 -12.40 27.05
N GLY B 44 -21.34 -13.17 26.39
CA GLY B 44 -20.62 -14.29 27.04
C GLY B 44 -19.49 -13.89 28.01
N VAL B 45 -18.95 -12.68 27.88
CA VAL B 45 -17.85 -12.18 28.73
C VAL B 45 -18.20 -12.42 30.19
N PRO B 46 -17.31 -13.06 30.99
CA PRO B 46 -15.91 -13.45 30.76
C PRO B 46 -15.75 -14.87 30.15
N MET B 47 -16.83 -15.57 29.86
CA MET B 47 -16.69 -16.90 29.28
C MET B 47 -16.40 -16.80 27.77
N GLU B 48 -15.51 -17.64 27.25
CA GLU B 48 -15.41 -17.74 25.79
C GLU B 48 -16.73 -18.27 25.20
N VAL B 49 -17.22 -17.69 24.13
CA VAL B 49 -18.39 -18.23 23.44
C VAL B 49 -18.06 -18.63 22.01
N MET B 50 -18.98 -19.37 21.40
CA MET B 50 -18.79 -19.83 20.01
C MET B 50 -20.05 -20.00 19.25
N GLY B 51 -19.93 -20.09 17.92
CA GLY B 51 -21.09 -20.38 17.13
C GLY B 51 -20.65 -20.72 15.72
N LEU B 52 -21.62 -20.95 14.84
CA LEU B 52 -21.28 -21.37 13.52
C LEU B 52 -21.49 -20.29 12.53
N MET B 53 -20.76 -20.39 11.41
CA MET B 53 -20.86 -19.41 10.36
C MET B 53 -21.50 -20.02 9.12
N LEU B 54 -22.44 -19.29 8.54
CA LEU B 54 -23.20 -19.72 7.34
C LEU B 54 -22.85 -18.78 6.17
N GLY B 55 -22.71 -19.35 4.99
CA GLY B 55 -22.45 -18.58 3.81
C GLY B 55 -22.06 -19.44 2.67
N GLU B 56 -21.07 -19.01 1.87
CA GLU B 56 -20.60 -19.86 0.75
C GLU B 56 -19.12 -19.65 0.45
N PHE B 57 -18.50 -20.69 -0.10
CA PHE B 57 -17.18 -20.63 -0.67
C PHE B 57 -17.30 -20.31 -2.14
N VAL B 58 -16.52 -19.37 -2.65
CA VAL B 58 -16.64 -19.04 -4.06
C VAL B 58 -15.34 -19.33 -4.80
N ASP B 59 -14.64 -18.25 -5.14
CA ASP B 59 -13.29 -18.30 -5.69
C ASP B 59 -12.47 -19.24 -4.81
N ASP B 60 -11.26 -19.54 -5.23
CA ASP B 60 -10.22 -19.93 -4.27
C ASP B 60 -9.94 -18.86 -3.21
N TYR B 61 -10.18 -17.60 -3.58
CA TYR B 61 -9.86 -16.44 -2.76
C TYR B 61 -11.03 -15.77 -2.05
N THR B 62 -12.20 -16.40 -2.04
CA THR B 62 -13.41 -15.80 -1.49
C THR B 62 -14.18 -16.74 -0.59
N VAL B 63 -14.35 -16.31 0.67
CA VAL B 63 -15.32 -16.94 1.56
C VAL B 63 -16.37 -15.94 2.00
N ASN B 64 -17.64 -16.24 1.75
CA ASN B 64 -18.71 -15.31 2.14
C ASN B 64 -19.40 -15.76 3.43
N VAL B 65 -19.47 -14.90 4.42
CA VAL B 65 -20.16 -15.26 5.64
C VAL B 65 -21.39 -14.38 5.66
N VAL B 66 -22.54 -15.01 5.50
CA VAL B 66 -23.82 -14.33 5.34
C VAL B 66 -24.49 -14.21 6.69
N ASP B 67 -24.31 -15.23 7.56
CA ASP B 67 -25.05 -15.31 8.79
C ASP B 67 -24.28 -16.13 9.77
N VAL B 68 -24.64 -16.05 11.04
CA VAL B 68 -24.10 -16.92 12.08
C VAL B 68 -25.18 -17.30 13.06
N PHE B 69 -24.95 -18.37 13.83
CA PHE B 69 -25.75 -18.52 15.02
C PHE B 69 -24.94 -19.06 16.19
N ALA B 70 -25.33 -18.61 17.37
CA ALA B 70 -24.75 -19.01 18.62
C ALA B 70 -24.95 -20.51 18.98
N MET B 71 -23.95 -21.12 19.61
CA MET B 71 -24.08 -22.42 20.29
C MET B 71 -24.27 -22.12 21.77
N PRO B 72 -25.08 -22.91 22.48
CA PRO B 72 -25.22 -22.76 23.95
C PRO B 72 -23.90 -23.05 24.65
N GLN B 73 -23.68 -22.40 25.77
CA GLN B 73 -22.52 -22.65 26.66
C GLN B 73 -22.51 -24.04 27.29
N SER B 74 -21.32 -24.64 27.45
CA SER B 74 -21.20 -25.94 28.15
C SER B 74 -20.06 -26.05 29.19
N GLY B 77 -15.29 -24.67 28.36
CA GLY B 77 -14.62 -23.90 27.33
C GLY B 77 -15.14 -24.14 25.93
N VAL B 78 -14.36 -23.74 24.94
CA VAL B 78 -14.72 -23.90 23.54
C VAL B 78 -13.85 -25.00 22.86
N SER B 79 -14.53 -25.99 22.27
CA SER B 79 -13.89 -27.17 21.68
C SER B 79 -14.94 -27.86 20.83
N VAL B 80 -14.52 -28.93 20.14
CA VAL B 80 -15.49 -29.73 19.35
C VAL B 80 -16.70 -30.14 20.23
N GLU B 81 -16.44 -30.45 21.53
CA GLU B 81 -17.44 -30.89 22.52
C GLU B 81 -18.55 -29.86 22.75
N ALA B 82 -18.24 -28.60 22.51
CA ALA B 82 -19.20 -27.52 22.63
C ALA B 82 -20.08 -27.45 21.40
N VAL B 83 -19.75 -28.21 20.35
CA VAL B 83 -20.60 -28.13 19.18
C VAL B 83 -21.78 -29.12 19.29
N ASP B 84 -22.99 -28.57 19.47
CA ASP B 84 -24.21 -29.34 19.84
C ASP B 84 -24.91 -29.71 18.53
N ASP B 85 -24.69 -30.96 18.10
CA ASP B 85 -25.10 -31.50 16.80
C ASP B 85 -26.62 -31.42 16.63
N VAL B 86 -27.36 -31.66 17.73
CA VAL B 86 -28.84 -31.63 17.69
C VAL B 86 -29.39 -30.20 17.65
N PHE B 87 -28.81 -29.33 18.47
CA PHE B 87 -29.09 -27.90 18.37
C PHE B 87 -28.85 -27.43 16.94
N GLN B 88 -27.76 -27.86 16.35
CA GLN B 88 -27.36 -27.31 15.05
C GLN B 88 -28.30 -27.77 13.93
N ALA B 89 -28.69 -29.05 13.94
CA ALA B 89 -29.58 -29.59 12.93
C ALA B 89 -30.96 -28.92 13.03
N LYS B 90 -31.42 -28.77 14.26
CA LYS B 90 -32.70 -28.12 14.50
C LYS B 90 -32.65 -26.64 14.08
N MET B 91 -31.60 -25.90 14.44
CA MET B 91 -31.42 -24.56 13.91
C MET B 91 -31.38 -24.47 12.37
N MET B 92 -30.63 -25.36 11.73
CA MET B 92 -30.50 -25.29 10.28
C MET B 92 -31.83 -25.67 9.61
N ASP B 93 -32.48 -26.68 10.15
CA ASP B 93 -33.81 -27.08 9.72
C ASP B 93 -34.76 -25.90 9.79
N MET B 94 -34.80 -25.16 10.90
CA MET B 94 -35.77 -24.05 11.00
C MET B 94 -35.41 -22.85 10.13
N LEU B 95 -34.11 -22.57 10.01
CA LEU B 95 -33.62 -21.49 9.20
C LEU B 95 -34.01 -21.72 7.73
N LYS B 96 -33.90 -22.97 7.32
CA LYS B 96 -34.21 -23.36 5.97
C LYS B 96 -35.72 -23.10 5.69
N GLN B 97 -36.58 -23.25 6.70
CA GLN B 97 -37.98 -22.91 6.50
C GLN B 97 -38.23 -21.45 6.32
N THR B 98 -37.30 -20.58 6.70
CA THR B 98 -37.49 -19.13 6.56
C THR B 98 -36.51 -18.49 5.57
N GLY B 99 -36.06 -19.32 4.64
CA GLY B 99 -35.36 -18.85 3.47
C GLY B 99 -33.87 -18.69 3.62
N ARG B 100 -33.31 -19.19 4.72
CA ARG B 100 -31.86 -19.25 4.97
C ARG B 100 -31.33 -20.72 4.83
N ASP B 101 -30.76 -21.04 3.67
CA ASP B 101 -30.29 -22.38 3.34
C ASP B 101 -28.78 -22.36 2.86
N GLN B 102 -27.92 -21.63 3.56
CA GLN B 102 -26.49 -21.68 3.23
C GLN B 102 -25.76 -22.77 4.02
N MET B 103 -24.70 -23.37 3.47
CA MET B 103 -23.95 -24.33 4.24
C MET B 103 -23.11 -23.64 5.37
N VAL B 104 -22.55 -24.46 6.26
CA VAL B 104 -21.61 -23.97 7.26
C VAL B 104 -20.24 -23.82 6.56
N VAL B 105 -19.65 -22.64 6.69
CA VAL B 105 -18.36 -22.28 6.12
C VAL B 105 -17.30 -22.13 7.19
N GLY B 106 -17.67 -22.38 8.44
CA GLY B 106 -16.72 -22.42 9.54
C GLY B 106 -17.41 -22.02 10.81
N TRP B 107 -16.63 -21.47 11.75
CA TRP B 107 -17.07 -21.27 13.16
C TRP B 107 -16.43 -20.01 13.71
N TYR B 108 -16.98 -19.45 14.80
CA TYR B 108 -16.33 -18.24 15.33
C TYR B 108 -16.32 -18.48 16.76
N HIS B 109 -15.41 -17.78 17.44
CA HIS B 109 -15.36 -17.80 18.85
C HIS B 109 -14.70 -16.55 19.37
N SER B 110 -15.14 -16.13 20.52
CA SER B 110 -14.53 -15.00 21.18
C SER B 110 -13.42 -15.42 22.11
N HIS B 111 -12.34 -14.67 22.16
CA HIS B 111 -11.68 -14.60 23.45
C HIS B 111 -11.46 -13.19 23.96
N PRO B 112 -12.20 -12.88 25.03
CA PRO B 112 -12.33 -11.68 25.80
C PRO B 112 -10.98 -11.29 26.37
N GLY B 113 -10.30 -10.36 25.69
CA GLY B 113 -9.07 -9.76 26.22
C GLY B 113 -7.75 -10.31 25.72
N PHE B 114 -7.72 -11.58 25.33
CA PHE B 114 -6.55 -12.14 24.66
C PHE B 114 -6.69 -11.64 23.21
N GLY B 115 -5.64 -11.69 22.40
CA GLY B 115 -5.81 -11.20 21.01
C GLY B 115 -6.72 -12.09 20.15
N CYS B 116 -6.60 -11.95 18.84
CA CYS B 116 -7.11 -12.94 17.91
C CYS B 116 -5.97 -13.87 17.58
N TRP B 117 -6.10 -15.14 17.99
CA TRP B 117 -5.13 -16.16 17.70
C TRP B 117 -5.80 -17.48 18.08
N LEU B 118 -5.27 -18.58 17.58
CA LEU B 118 -5.78 -19.89 18.01
C LEU B 118 -4.85 -20.52 19.04
N SER B 119 -5.42 -21.04 20.13
CA SER B 119 -4.75 -21.97 21.06
C SER B 119 -4.63 -23.40 20.45
N SER B 120 -4.02 -24.33 21.19
CA SER B 120 -3.87 -25.67 20.65
C SER B 120 -5.23 -26.38 20.50
N VAL B 121 -6.14 -26.10 21.41
CA VAL B 121 -7.54 -26.56 21.37
C VAL B 121 -8.28 -26.07 20.15
N ASP B 122 -8.23 -24.76 19.91
CA ASP B 122 -8.83 -24.20 18.73
C ASP B 122 -8.32 -24.84 17.49
N VAL B 123 -7.03 -25.15 17.46
CA VAL B 123 -6.48 -25.76 16.26
C VAL B 123 -7.10 -27.12 16.05
N ASN B 124 -7.17 -27.92 17.10
CA ASN B 124 -7.85 -29.21 17.01
C ASN B 124 -9.31 -29.08 16.53
N THR B 125 -10.00 -28.03 17.01
CA THR B 125 -11.38 -27.82 16.67
C THR B 125 -11.45 -27.50 15.21
N GLN B 126 -10.51 -26.68 14.75
CA GLN B 126 -10.45 -26.33 13.37
C GLN B 126 -10.11 -27.54 12.52
N LYS B 127 -9.16 -28.37 12.94
CA LYS B 127 -8.86 -29.61 12.21
C LYS B 127 -10.13 -30.38 11.87
N SER B 128 -11.02 -30.46 12.85
CA SER B 128 -12.26 -31.20 12.72
C SER B 128 -13.24 -30.56 11.73
N PHE B 129 -13.41 -29.23 11.80
CA PHE B 129 -14.07 -28.47 10.77
C PHE B 129 -13.46 -28.68 9.36
N GLU B 130 -12.14 -28.64 9.28
CA GLU B 130 -11.44 -28.90 8.02
C GLU B 130 -11.70 -30.28 7.45
N GLN B 131 -11.97 -31.27 8.30
CA GLN B 131 -12.15 -32.65 7.82
C GLN B 131 -13.39 -32.74 6.98
N LEU B 132 -14.42 -32.06 7.46
CA LEU B 132 -15.72 -31.90 6.80
C LEU B 132 -15.66 -31.07 5.54
N ASN B 133 -14.90 -29.96 5.59
CA ASN B 133 -14.67 -29.10 4.43
C ASN B 133 -13.32 -28.41 4.48
N SER B 134 -12.45 -28.77 3.55
CA SER B 134 -11.08 -28.30 3.54
C SER B 134 -10.97 -26.78 3.56
N ARG B 135 -12.08 -26.06 3.34
CA ARG B 135 -12.05 -24.63 3.15
C ARG B 135 -12.55 -23.86 4.39
N ALA B 136 -12.97 -24.60 5.42
CA ALA B 136 -13.52 -23.98 6.60
C ALA B 136 -12.54 -22.99 7.23
N VAL B 137 -13.14 -21.97 7.78
CA VAL B 137 -12.43 -20.88 8.35
C VAL B 137 -12.78 -20.78 9.83
N ALA B 138 -11.81 -20.29 10.60
CA ALA B 138 -11.95 -20.03 12.04
C ALA B 138 -11.92 -18.52 12.30
N VAL B 139 -13.03 -17.97 12.78
CA VAL B 139 -13.07 -16.52 13.04
C VAL B 139 -12.91 -16.29 14.55
N VAL B 140 -12.16 -15.27 14.93
CA VAL B 140 -11.91 -15.08 16.35
C VAL B 140 -12.20 -13.62 16.57
N VAL B 141 -13.05 -13.34 17.55
CA VAL B 141 -13.40 -11.99 17.95
C VAL B 141 -12.97 -11.70 19.37
N ASP B 142 -12.53 -10.46 19.63
CA ASP B 142 -12.29 -10.01 20.99
C ASP B 142 -13.20 -8.82 21.27
N PRO B 143 -14.26 -9.06 22.02
CA PRO B 143 -15.35 -8.12 22.17
C PRO B 143 -15.05 -7.05 23.21
N ILE B 144 -14.08 -7.35 24.06
CA ILE B 144 -13.68 -6.46 25.11
C ILE B 144 -12.75 -5.39 24.50
N GLN B 145 -11.83 -5.84 23.64
CA GLN B 145 -10.87 -4.93 23.02
C GLN B 145 -11.56 -4.06 21.97
N SER B 146 -12.70 -4.54 21.49
CA SER B 146 -13.49 -3.86 20.47
C SER B 146 -14.07 -2.53 20.97
N VAL B 147 -14.28 -2.40 22.28
CA VAL B 147 -14.89 -1.17 22.84
C VAL B 147 -13.91 -0.03 23.03
N LYS B 148 -12.68 -0.22 22.51
CA LYS B 148 -11.69 0.87 22.39
C LYS B 148 -12.07 1.78 21.21
N GLY B 149 -12.99 1.28 20.38
CA GLY B 149 -13.54 2.00 19.25
C GLY B 149 -13.17 1.32 17.95
N LYS B 150 -12.40 0.24 18.04
CA LYS B 150 -12.04 -0.55 16.85
C LYS B 150 -12.43 -2.04 16.96
N VAL B 151 -13.01 -2.58 15.91
CA VAL B 151 -13.38 -3.97 15.93
C VAL B 151 -12.11 -4.84 15.76
N VAL B 152 -11.83 -5.70 16.75
CA VAL B 152 -10.70 -6.63 16.73
C VAL B 152 -11.27 -8.02 16.37
N ILE B 153 -10.92 -8.49 15.17
CA ILE B 153 -11.47 -9.70 14.59
C ILE B 153 -10.41 -10.20 13.58
N ASP B 154 -10.26 -11.50 13.43
CA ASP B 154 -9.46 -12.08 12.34
C ASP B 154 -9.96 -13.48 11.94
N ALA B 155 -9.48 -13.94 10.78
CA ALA B 155 -9.83 -15.24 10.28
C ALA B 155 -8.61 -16.05 10.02
N PHE B 156 -8.72 -17.36 10.17
CA PHE B 156 -7.60 -18.21 10.07
C PHE B 156 -7.93 -19.52 9.40
N ARG B 157 -6.93 -20.11 8.77
CA ARG B 157 -6.98 -21.50 8.35
C ARG B 157 -5.69 -22.16 8.76
N LEU B 158 -5.64 -23.48 8.82
CA LEU B 158 -4.39 -24.19 9.05
C LEU B 158 -3.58 -24.25 7.76
N ILE B 159 -2.27 -24.33 7.85
CA ILE B 159 -1.51 -24.65 6.64
C ILE B 159 -0.95 -26.04 6.63
N ASP B 160 -1.61 -26.92 5.84
CA ASP B 160 -1.19 -28.34 5.60
C ASP B 160 -0.44 -28.60 4.28
N THR B 161 0.73 -29.23 4.37
CA THR B 161 1.49 -29.72 3.20
C THR B 161 1.22 -28.94 1.90
N GLY B 178 11.74 -15.86 -9.97
CA GLY B 178 12.56 -15.78 -8.76
C GLY B 178 11.88 -14.80 -7.81
N LEU B 179 11.09 -13.90 -8.38
CA LEU B 179 10.62 -12.75 -7.66
C LEU B 179 9.60 -13.14 -6.59
N LEU B 180 9.86 -12.73 -5.35
CA LEU B 180 8.84 -12.94 -4.28
C LEU B 180 8.44 -11.63 -3.58
N ASN B 181 7.40 -11.74 -2.78
CA ASN B 181 7.04 -10.66 -1.92
C ASN B 181 7.52 -10.92 -0.50
N LYS B 182 8.49 -10.11 -0.04
CA LYS B 182 9.11 -10.24 1.29
C LYS B 182 8.13 -10.38 2.46
N ALA B 183 7.11 -9.51 2.54
CA ALA B 183 6.13 -9.61 3.63
C ALA B 183 5.33 -10.92 3.62
N ASN B 184 4.87 -11.38 2.45
CA ASN B 184 4.20 -12.69 2.34
C ASN B 184 5.10 -13.87 2.62
N ILE B 185 6.37 -13.76 2.29
CA ILE B 185 7.23 -14.84 2.70
C ILE B 185 7.31 -14.83 4.24
N GLN B 186 7.35 -13.63 4.84
CA GLN B 186 7.48 -13.49 6.31
C GLN B 186 6.28 -14.07 7.06
N ALA B 187 5.11 -14.03 6.42
CA ALA B 187 3.85 -14.52 6.97
C ALA B 187 3.64 -16.02 6.79
N LEU B 188 4.20 -16.57 5.70
CA LEU B 188 4.18 -18.02 5.44
C LEU B 188 5.09 -18.71 6.41
N ILE B 189 6.11 -17.99 6.88
CA ILE B 189 7.02 -18.56 7.86
C ILE B 189 6.49 -18.50 9.30
N HIS B 190 5.95 -17.36 9.72
CA HIS B 190 5.29 -17.29 11.03
C HIS B 190 4.07 -18.23 11.04
N GLY B 191 3.36 -18.33 9.92
CA GLY B 191 2.28 -19.30 9.76
C GLY B 191 2.76 -20.74 10.00
N LEU B 192 3.83 -21.12 9.30
CA LEU B 192 4.43 -22.46 9.44
C LEU B 192 4.85 -22.74 10.88
N ASN B 193 5.53 -21.77 11.48
CA ASN B 193 5.78 -21.73 12.91
C ASN B 193 4.57 -22.20 13.77
N ARG B 194 3.44 -21.53 13.65
CA ARG B 194 2.32 -21.82 14.54
C ARG B 194 1.19 -22.68 13.99
N HIS B 195 1.30 -23.13 12.73
CA HIS B 195 0.38 -24.14 12.11
C HIS B 195 -0.86 -23.57 11.43
N TYR B 196 -1.03 -22.26 11.57
CA TYR B 196 -2.13 -21.59 10.90
C TYR B 196 -1.69 -20.18 10.43
N TYR B 197 -2.45 -19.60 9.52
CA TYR B 197 -2.16 -18.26 8.99
C TYR B 197 -3.46 -17.54 9.00
N SER B 198 -3.42 -16.21 8.87
CA SER B 198 -4.58 -15.34 8.75
C SER B 198 -4.93 -14.93 7.34
N LEU B 199 -6.24 -14.81 7.16
CA LEU B 199 -6.90 -14.29 5.97
C LEU B 199 -7.31 -12.84 6.17
N ASN B 200 -7.34 -12.05 5.09
CA ASN B 200 -7.97 -10.77 5.05
C ASN B 200 -9.45 -10.88 5.35
N ILE B 201 -9.94 -9.80 5.93
CA ILE B 201 -11.32 -9.69 6.30
C ILE B 201 -11.89 -8.44 5.66
N ASP B 202 -13.06 -8.56 5.02
CA ASP B 202 -13.76 -7.41 4.50
C ASP B 202 -15.23 -7.51 4.90
N TYR B 203 -15.95 -6.40 4.78
CA TYR B 203 -17.34 -6.35 5.18
C TYR B 203 -18.12 -6.13 3.93
N HIS B 204 -19.19 -6.88 3.76
CA HIS B 204 -20.06 -6.61 2.63
C HIS B 204 -21.34 -5.98 3.14
N LYS B 205 -21.78 -4.89 2.55
CA LYS B 205 -23.15 -4.48 2.72
C LYS B 205 -23.83 -4.22 1.36
N THR B 206 -25.09 -4.60 1.27
CA THR B 206 -25.92 -4.22 0.11
C THR B 206 -26.24 -2.72 0.16
N ALA B 207 -26.68 -2.15 -0.96
CA ALA B 207 -27.06 -0.77 -0.99
C ALA B 207 -28.21 -0.45 -0.07
N LYS B 208 -29.10 -1.40 0.19
CA LYS B 208 -30.30 -1.20 1.06
C LYS B 208 -29.90 -1.28 2.54
N GLU B 209 -29.06 -2.26 2.90
CA GLU B 209 -28.40 -2.24 4.23
C GLU B 209 -27.67 -0.90 4.56
N THR B 210 -26.95 -0.33 3.59
CA THR B 210 -26.19 0.91 3.75
C THR B 210 -27.17 2.02 4.12
N LYS B 211 -28.23 2.13 3.33
CA LYS B 211 -29.26 3.09 3.62
C LYS B 211 -29.84 2.86 4.99
N MET B 212 -30.03 1.62 5.37
CA MET B 212 -30.66 1.39 6.63
C MET B 212 -29.64 1.74 7.74
N LEU B 213 -28.42 1.22 7.61
CA LEU B 213 -27.31 1.60 8.50
C LEU B 213 -27.20 3.12 8.73
N MET B 214 -27.34 3.93 7.68
CA MET B 214 -27.13 5.37 7.83
C MET B 214 -28.26 6.02 8.61
N ASN B 215 -29.42 5.37 8.69
CA ASN B 215 -30.52 5.87 9.54
C ASN B 215 -30.52 5.30 10.94
N LEU B 216 -29.46 4.58 11.27
CA LEU B 216 -29.36 3.81 12.54
C LEU B 216 -28.15 4.32 13.31
N HIS B 217 -27.86 5.60 13.14
CA HIS B 217 -26.51 6.12 13.35
C HIS B 217 -26.60 7.61 13.58
N VAL C 3 -33.67 2.78 -16.61
CA VAL C 3 -33.10 1.79 -15.62
C VAL C 3 -31.62 1.47 -15.90
N GLN C 4 -30.79 1.65 -14.87
CA GLN C 4 -29.32 1.62 -14.94
C GLN C 4 -28.63 0.54 -15.78
N LEU C 5 -29.08 -0.69 -15.70
CA LEU C 5 -28.56 -1.78 -16.56
C LEU C 5 -29.55 -2.07 -17.69
N GLN C 6 -29.01 -2.61 -18.76
CA GLN C 6 -29.76 -2.81 -20.00
C GLN C 6 -29.07 -3.91 -20.80
N GLU C 7 -29.69 -5.07 -20.82
CA GLU C 7 -29.12 -6.22 -21.51
C GLU C 7 -29.57 -6.21 -22.96
N SER C 8 -28.82 -6.95 -23.77
CA SER C 8 -29.14 -7.12 -25.17
C SER C 8 -28.48 -8.41 -25.70
N GLY C 9 -28.79 -8.77 -26.95
CA GLY C 9 -28.27 -9.99 -27.55
C GLY C 9 -29.42 -10.95 -27.36
N GLY C 10 -29.23 -12.23 -27.54
CA GLY C 10 -30.37 -13.07 -27.08
C GLY C 10 -31.59 -13.09 -28.01
N GLY C 11 -32.25 -14.24 -28.00
CA GLY C 11 -33.39 -14.49 -28.88
C GLY C 11 -33.38 -15.97 -29.09
N LEU C 12 -33.86 -16.38 -30.26
CA LEU C 12 -34.00 -17.76 -30.63
C LEU C 12 -32.75 -18.31 -31.30
N VAL C 13 -32.37 -19.52 -30.96
CA VAL C 13 -31.16 -20.11 -31.49
C VAL C 13 -31.35 -21.63 -31.51
N PRO C 14 -30.76 -22.35 -32.49
CA PRO C 14 -31.06 -23.78 -32.36
C PRO C 14 -30.20 -24.49 -31.32
N ALA C 15 -30.61 -25.68 -30.86
CA ALA C 15 -29.72 -26.48 -30.00
C ALA C 15 -28.33 -26.65 -30.64
N GLY C 16 -27.28 -26.52 -29.82
CA GLY C 16 -25.91 -26.57 -30.36
C GLY C 16 -25.39 -25.18 -30.73
N GLY C 17 -26.28 -24.19 -30.71
CA GLY C 17 -25.94 -22.87 -31.20
C GLY C 17 -25.26 -21.95 -30.19
N SER C 18 -25.08 -20.71 -30.61
CA SER C 18 -24.27 -19.71 -29.91
C SER C 18 -24.95 -18.35 -29.85
N LEU C 19 -24.69 -17.62 -28.77
CA LEU C 19 -25.21 -16.29 -28.57
C LEU C 19 -24.30 -15.51 -27.68
N ARG C 20 -24.23 -14.21 -27.91
CA ARG C 20 -23.47 -13.39 -26.97
C ARG C 20 -24.37 -12.34 -26.34
N LEU C 21 -24.52 -12.40 -25.03
CA LEU C 21 -25.31 -11.40 -24.33
C LEU C 21 -24.36 -10.30 -23.90
N SER C 22 -24.91 -9.10 -23.80
CA SER C 22 -24.19 -7.95 -23.35
C SER C 22 -25.09 -7.18 -22.40
N CYS C 23 -24.45 -6.40 -21.55
CA CYS C 23 -25.11 -5.61 -20.56
C CYS C 23 -24.32 -4.31 -20.39
N VAL C 24 -24.99 -3.17 -20.56
CA VAL C 24 -24.37 -1.87 -20.36
C VAL C 24 -24.81 -1.19 -19.07
N ASP C 25 -23.84 -0.72 -18.27
CA ASP C 25 -24.17 0.04 -17.06
C ASP C 25 -23.99 1.55 -17.18
N SER C 26 -25.08 2.31 -17.11
CA SER C 26 -24.99 3.77 -17.04
C SER C 26 -24.31 4.29 -15.77
N GLY C 27 -24.33 3.50 -14.70
CA GLY C 27 -23.68 3.88 -13.43
C GLY C 27 -24.03 5.27 -12.90
N ARG C 28 -25.31 5.64 -12.96
CA ARG C 28 -25.80 6.96 -12.44
C ARG C 28 -26.54 6.95 -11.08
N THR C 29 -26.65 5.78 -10.45
CA THR C 29 -27.27 5.63 -9.10
C THR C 29 -26.40 4.75 -8.18
N PHE C 30 -25.90 3.65 -8.75
CA PHE C 30 -25.28 2.54 -8.01
C PHE C 30 -23.82 2.31 -8.38
N SER C 31 -22.99 2.10 -7.35
CA SER C 31 -21.64 1.59 -7.56
C SER C 31 -21.69 0.05 -7.61
N SER C 32 -20.70 -0.56 -8.24
CA SER C 32 -20.61 -2.00 -8.26
C SER C 32 -19.18 -2.32 -8.49
N THR C 33 -18.70 -3.33 -7.80
CA THR C 33 -17.40 -3.86 -8.06
C THR C 33 -17.56 -5.26 -8.60
N VAL C 34 -18.82 -5.75 -8.66
CA VAL C 34 -19.12 -7.10 -9.14
C VAL C 34 -20.28 -7.09 -10.17
N MET C 35 -20.15 -7.84 -11.27
CA MET C 35 -21.36 -8.07 -12.12
C MET C 35 -21.64 -9.54 -12.35
N ALA C 36 -22.90 -9.88 -12.61
CA ALA C 36 -23.22 -11.30 -12.72
C ALA C 36 -24.36 -11.49 -13.72
N TRP C 37 -24.46 -12.70 -14.26
CA TRP C 37 -25.70 -13.11 -14.94
C TRP C 37 -26.50 -14.10 -14.16
N PHE C 38 -27.82 -13.96 -14.27
CA PHE C 38 -28.70 -14.89 -13.60
C PHE C 38 -29.72 -15.25 -14.70
N ARG C 39 -30.48 -16.31 -14.52
CA ARG C 39 -31.51 -16.66 -15.49
C ARG C 39 -32.70 -17.23 -14.72
N GLN C 40 -33.87 -17.01 -15.27
CA GLN C 40 -35.10 -17.47 -14.67
C GLN C 40 -35.97 -18.08 -15.75
N ALA C 41 -36.15 -19.38 -15.63
CA ALA C 41 -37.05 -20.15 -16.46
C ALA C 41 -38.53 -20.08 -15.94
N PRO C 42 -39.53 -20.15 -16.85
CA PRO C 42 -40.92 -20.07 -16.39
C PRO C 42 -41.13 -21.12 -15.32
N GLY C 43 -41.68 -20.72 -14.18
CA GLY C 43 -42.00 -21.63 -13.09
C GLY C 43 -40.83 -22.04 -12.24
N LYS C 44 -39.68 -21.39 -12.43
CA LYS C 44 -38.48 -21.70 -11.65
C LYS C 44 -37.83 -20.53 -10.94
N GLU C 45 -37.08 -20.84 -9.87
CA GLU C 45 -36.32 -19.82 -9.15
C GLU C 45 -35.26 -19.20 -10.06
N ARG C 46 -34.96 -17.91 -9.84
CA ARG C 46 -33.83 -17.24 -10.46
C ARG C 46 -32.55 -18.06 -10.10
N GLU C 47 -31.68 -18.26 -11.06
CA GLU C 47 -30.61 -19.21 -10.86
C GLU C 47 -29.38 -18.43 -11.24
N PHE C 48 -28.36 -18.53 -10.41
CA PHE C 48 -27.03 -17.95 -10.65
C PHE C 48 -26.37 -18.58 -11.90
N VAL C 49 -25.86 -17.77 -12.82
CA VAL C 49 -25.12 -18.34 -13.93
C VAL C 49 -23.61 -18.09 -13.86
N ALA C 50 -23.22 -16.82 -13.76
CA ALA C 50 -21.80 -16.50 -13.72
C ALA C 50 -21.57 -15.17 -13.08
N THR C 51 -20.36 -14.96 -12.56
CA THR C 51 -20.08 -13.65 -11.96
C THR C 51 -18.64 -13.22 -12.22
N ILE C 52 -18.38 -11.91 -12.22
CA ILE C 52 -17.07 -11.36 -12.59
C ILE C 52 -16.82 -10.06 -11.79
N ARG C 53 -15.56 -9.83 -11.41
CA ARG C 53 -15.20 -8.57 -10.73
C ARG C 53 -14.71 -7.56 -11.79
N TRP C 54 -15.20 -6.32 -11.76
CA TRP C 54 -14.73 -5.28 -12.69
C TRP C 54 -13.23 -5.19 -12.71
N SER C 55 -12.58 -5.26 -11.56
CA SER C 55 -11.15 -5.11 -11.63
C SER C 55 -10.45 -6.41 -11.28
N GLY C 56 -9.46 -6.79 -12.08
CA GLY C 56 -8.87 -8.11 -11.92
C GLY C 56 -9.60 -9.01 -12.89
N GLY C 57 -10.92 -9.01 -12.79
CA GLY C 57 -11.73 -9.78 -13.76
C GLY C 57 -11.77 -11.28 -13.48
N ASN C 58 -11.49 -11.68 -12.24
CA ASN C 58 -11.73 -13.01 -11.69
C ASN C 58 -13.22 -13.44 -11.93
N THR C 59 -13.45 -14.67 -12.37
CA THR C 59 -14.78 -15.11 -12.71
C THR C 59 -15.18 -16.36 -11.93
N TYR C 60 -16.48 -16.63 -11.78
CA TYR C 60 -16.89 -17.88 -11.19
C TYR C 60 -18.20 -18.28 -11.88
N TYR C 61 -18.42 -19.61 -12.04
CA TYR C 61 -19.51 -20.20 -12.86
C TYR C 61 -20.37 -21.23 -12.15
N ALA C 62 -21.65 -21.29 -12.50
CA ALA C 62 -22.50 -22.41 -12.01
C ALA C 62 -22.09 -23.71 -12.67
N ASP C 63 -22.13 -24.80 -11.92
CA ASP C 63 -21.78 -26.11 -12.48
C ASP C 63 -22.36 -26.41 -13.90
N SER C 64 -23.63 -26.06 -14.15
CA SER C 64 -24.32 -26.53 -15.37
C SER C 64 -23.89 -25.78 -16.63
N VAL C 65 -22.97 -24.85 -16.45
CA VAL C 65 -22.66 -23.87 -17.45
C VAL C 65 -21.12 -23.86 -17.75
N LYS C 66 -20.34 -24.50 -16.86
CA LYS C 66 -18.87 -24.59 -17.01
C LYS C 66 -18.47 -25.30 -18.28
N GLY C 67 -17.50 -24.70 -18.98
CA GLY C 67 -16.98 -25.16 -20.26
C GLY C 67 -17.80 -24.65 -21.46
N ARG C 68 -18.96 -24.04 -21.22
CA ARG C 68 -19.82 -23.57 -22.31
C ARG C 68 -20.00 -22.06 -22.30
N PHE C 69 -20.14 -21.47 -21.12
CA PHE C 69 -20.43 -20.02 -21.03
C PHE C 69 -19.17 -19.30 -20.58
N THR C 70 -18.91 -18.10 -21.08
CA THR C 70 -17.76 -17.29 -20.64
C THR C 70 -18.33 -15.93 -20.28
N ILE C 71 -18.05 -15.49 -19.06
CA ILE C 71 -18.34 -14.13 -18.69
C ILE C 71 -17.09 -13.29 -18.82
N SER C 72 -17.22 -12.06 -19.33
CA SER C 72 -16.08 -11.17 -19.48
C SER C 72 -16.56 -9.72 -19.36
N ARG C 73 -15.64 -8.75 -19.25
CA ARG C 73 -16.08 -7.36 -19.13
C ARG C 73 -15.16 -6.39 -19.81
N ASP C 74 -15.73 -5.34 -20.40
CA ASP C 74 -15.00 -4.22 -20.97
C ASP C 74 -15.14 -3.10 -19.95
N ASN C 75 -14.13 -2.97 -19.10
N ASN C 75 -14.12 -2.89 -19.13
CA ASN C 75 -14.09 -1.97 -18.01
CA ASN C 75 -14.24 -1.99 -17.98
C ASN C 75 -14.34 -0.55 -18.48
C ASN C 75 -13.99 -0.47 -18.24
N ALA C 76 -13.57 -0.12 -19.46
CA ALA C 76 -13.57 1.25 -19.90
C ALA C 76 -14.91 1.62 -20.54
N ARG C 77 -15.65 0.60 -21.02
CA ARG C 77 -16.95 0.82 -21.68
C ARG C 77 -18.11 0.37 -20.84
N ASN C 78 -17.79 -0.06 -19.62
CA ASN C 78 -18.76 -0.48 -18.65
C ASN C 78 -19.74 -1.50 -19.20
N THR C 79 -19.20 -2.55 -19.79
CA THR C 79 -20.02 -3.59 -20.39
C THR C 79 -19.56 -4.94 -19.91
N VAL C 80 -20.54 -5.78 -19.62
CA VAL C 80 -20.35 -7.17 -19.31
C VAL C 80 -20.90 -7.99 -20.48
N TYR C 81 -20.24 -9.11 -20.75
CA TYR C 81 -20.65 -10.05 -21.78
C TYR C 81 -20.83 -11.46 -21.26
N LEU C 82 -21.85 -12.14 -21.77
CA LEU C 82 -21.93 -13.59 -21.58
C LEU C 82 -21.90 -14.30 -22.94
N GLN C 83 -20.84 -15.01 -23.22
CA GLN C 83 -20.71 -15.76 -24.41
C GLN C 83 -21.20 -17.16 -24.07
N MET C 84 -22.25 -17.56 -24.78
CA MET C 84 -22.93 -18.81 -24.54
C MET C 84 -22.75 -19.75 -25.73
N ASN C 85 -21.98 -20.83 -25.55
CA ASN C 85 -21.75 -21.82 -26.61
C ASN C 85 -22.46 -23.16 -26.28
N SER C 86 -22.63 -24.06 -27.26
CA SER C 86 -23.21 -25.40 -26.97
C SER C 86 -24.57 -25.25 -26.29
N LEU C 87 -25.41 -24.37 -26.78
CA LEU C 87 -26.67 -24.17 -26.08
C LEU C 87 -27.59 -25.41 -26.14
N LYS C 88 -28.28 -25.67 -25.02
CA LYS C 88 -29.26 -26.75 -24.84
C LYS C 88 -30.65 -26.15 -24.56
N PRO C 89 -31.73 -26.89 -24.82
CA PRO C 89 -33.08 -26.41 -24.53
C PRO C 89 -33.24 -25.98 -23.09
N GLU C 90 -32.57 -26.70 -22.19
CA GLU C 90 -32.66 -26.35 -20.78
C GLU C 90 -32.08 -24.97 -20.49
N ASP C 91 -31.27 -24.42 -21.39
CA ASP C 91 -30.71 -23.08 -21.22
C ASP C 91 -31.72 -21.97 -21.47
N THR C 92 -32.95 -22.32 -21.89
CA THR C 92 -34.02 -21.37 -22.21
C THR C 92 -34.54 -20.60 -20.98
N ALA C 93 -34.59 -19.28 -21.04
CA ALA C 93 -34.93 -18.49 -19.87
C ALA C 93 -34.85 -17.02 -20.19
N VAL C 94 -35.44 -16.19 -19.33
CA VAL C 94 -35.09 -14.81 -19.33
C VAL C 94 -33.74 -14.67 -18.54
N TYR C 95 -32.76 -14.00 -19.13
CA TYR C 95 -31.43 -13.81 -18.56
C TYR C 95 -31.29 -12.36 -18.00
N TYR C 96 -30.74 -12.23 -16.79
CA TYR C 96 -30.74 -10.92 -16.08
C TYR C 96 -29.31 -10.60 -15.70
N CYS C 97 -28.84 -9.37 -15.97
CA CYS C 97 -27.53 -9.00 -15.44
C CYS C 97 -27.80 -8.25 -14.20
N ALA C 98 -26.84 -8.29 -13.29
CA ALA C 98 -27.09 -7.78 -11.94
C ALA C 98 -25.80 -7.19 -11.42
N GLY C 99 -25.88 -6.11 -10.63
CA GLY C 99 -24.62 -5.57 -10.16
C GLY C 99 -24.62 -5.44 -8.64
N GLY C 100 -23.44 -5.30 -8.05
CA GLY C 100 -23.36 -5.01 -6.62
C GLY C 100 -21.95 -5.20 -6.06
N THR C 101 -21.85 -5.44 -4.74
CA THR C 101 -20.53 -5.58 -4.15
C THR C 101 -20.19 -7.02 -3.71
N TYR C 102 -21.12 -7.92 -3.89
CA TYR C 102 -21.02 -9.28 -3.36
C TYR C 102 -20.50 -10.20 -4.47
N TYR C 103 -19.38 -10.88 -4.23
CA TYR C 103 -18.84 -11.79 -5.19
C TYR C 103 -19.32 -13.23 -4.95
N GLY C 104 -20.44 -13.64 -5.57
CA GLY C 104 -20.98 -14.93 -5.25
C GLY C 104 -22.33 -15.15 -5.91
N THR C 105 -23.06 -16.09 -5.39
CA THR C 105 -24.15 -16.62 -6.15
C THR C 105 -25.53 -16.26 -5.64
N LEU C 106 -25.65 -15.50 -4.52
CA LEU C 106 -26.96 -15.23 -3.96
C LEU C 106 -27.60 -14.01 -4.58
N SER C 107 -28.83 -14.15 -5.08
CA SER C 107 -29.42 -13.09 -5.89
C SER C 107 -29.80 -11.89 -5.03
N TYR C 108 -30.20 -12.11 -3.80
CA TYR C 108 -30.57 -11.00 -2.96
C TYR C 108 -29.37 -10.22 -2.35
N LYS C 109 -28.14 -10.63 -2.61
CA LYS C 109 -26.99 -9.84 -2.24
C LYS C 109 -26.61 -8.78 -3.30
N TYR C 110 -27.21 -8.89 -4.49
CA TYR C 110 -26.98 -7.96 -5.60
C TYR C 110 -27.81 -6.71 -5.45
N ASP C 111 -27.30 -5.58 -5.96
CA ASP C 111 -27.90 -4.28 -5.69
C ASP C 111 -28.90 -3.77 -6.73
N PHE C 112 -28.68 -4.09 -7.99
CA PHE C 112 -29.62 -3.62 -8.99
C PHE C 112 -29.64 -4.57 -10.17
N TRP C 113 -30.72 -4.51 -10.95
CA TRP C 113 -31.03 -5.50 -12.00
C TRP C 113 -31.43 -4.80 -13.26
N GLY C 114 -31.09 -5.44 -14.37
CA GLY C 114 -31.76 -5.18 -15.63
C GLY C 114 -33.14 -5.81 -15.66
N ARG C 115 -33.97 -5.40 -16.62
CA ARG C 115 -35.27 -6.04 -16.92
C ARG C 115 -35.23 -7.44 -17.62
N GLY C 116 -34.09 -7.82 -18.17
CA GLY C 116 -33.98 -9.16 -18.70
C GLY C 116 -34.06 -9.30 -20.22
N THR C 117 -33.41 -10.31 -20.75
CA THR C 117 -33.49 -10.56 -22.15
C THR C 117 -33.81 -12.00 -22.34
N GLN C 118 -34.72 -12.28 -23.27
CA GLN C 118 -35.26 -13.63 -23.42
C GLN C 118 -34.32 -14.45 -24.32
N VAL C 119 -33.91 -15.63 -23.83
CA VAL C 119 -33.15 -16.60 -24.65
C VAL C 119 -34.01 -17.85 -24.83
N THR C 120 -34.20 -18.31 -26.06
CA THR C 120 -35.02 -19.51 -26.33
C THR C 120 -34.15 -20.43 -27.19
N VAL C 121 -33.85 -21.62 -26.71
CA VAL C 121 -33.08 -22.61 -27.48
C VAL C 121 -34.02 -23.69 -28.02
N SER C 122 -34.21 -23.70 -29.32
CA SER C 122 -35.18 -24.61 -29.89
C SER C 122 -34.98 -26.04 -29.42
N SER C 123 -36.08 -26.64 -28.98
CA SER C 123 -36.20 -28.10 -28.73
C SER C 123 -36.17 -28.93 -29.98
N HIS C 124 -36.38 -28.31 -31.14
CA HIS C 124 -36.61 -29.09 -32.35
C HIS C 124 -35.50 -28.94 -33.35
N HIS C 125 -35.12 -27.69 -33.60
CA HIS C 125 -34.11 -27.33 -34.61
C HIS C 125 -32.71 -27.36 -34.02
N HIS C 126 -31.77 -28.03 -34.71
CA HIS C 126 -30.37 -28.11 -34.29
C HIS C 126 -29.45 -27.42 -35.27
N HIS C 127 -28.33 -26.95 -34.74
CA HIS C 127 -27.31 -26.19 -35.45
C HIS C 127 -26.52 -27.14 -36.30
N HIS D 7 28.88 30.78 -36.74
CA HIS D 7 28.20 30.86 -35.42
C HIS D 7 28.42 29.59 -34.57
N GLU D 8 29.64 29.41 -34.05
CA GLU D 8 29.87 28.34 -33.07
C GLU D 8 28.82 28.42 -31.97
N LYS D 9 28.56 27.28 -31.37
CA LYS D 9 27.46 27.17 -30.47
C LYS D 9 27.84 25.93 -29.69
N VAL D 10 27.44 25.91 -28.41
CA VAL D 10 27.72 24.83 -27.51
C VAL D 10 26.41 24.26 -26.99
N THR D 11 26.36 22.94 -26.87
CA THR D 11 25.22 22.20 -26.31
C THR D 11 25.78 21.43 -25.10
N ILE D 12 25.08 21.48 -23.97
CA ILE D 12 25.60 20.89 -22.72
C ILE D 12 24.55 19.91 -22.20
N ALA D 13 24.98 18.71 -21.82
CA ALA D 13 24.03 17.74 -21.22
C ALA D 13 23.79 18.09 -19.69
N PRO D 14 22.55 18.00 -19.17
CA PRO D 14 22.30 18.30 -17.74
C PRO D 14 23.25 17.67 -16.74
N LEU D 15 23.66 16.44 -17.05
CA LEU D 15 24.46 15.67 -16.15
C LEU D 15 25.76 16.39 -15.82
N VAL D 16 26.25 17.12 -16.80
CA VAL D 16 27.49 17.80 -16.65
C VAL D 16 27.41 18.95 -15.66
N LEU D 17 26.34 19.73 -15.71
CA LEU D 17 26.15 20.75 -14.74
C LEU D 17 25.90 20.15 -13.34
N LEU D 18 25.21 19.02 -13.25
CA LEU D 18 24.94 18.46 -11.92
C LEU D 18 26.20 17.83 -11.34
N SER D 19 27.07 17.32 -12.20
CA SER D 19 28.32 16.73 -11.75
C SER D 19 29.25 17.82 -11.24
N ALA D 20 29.33 18.95 -11.95
CA ALA D 20 30.13 20.09 -11.39
C ALA D 20 29.62 20.54 -10.05
N LEU D 21 28.29 20.55 -9.92
CA LEU D 21 27.67 21.00 -8.69
C LEU D 21 28.03 20.06 -7.56
N ASP D 22 27.94 18.75 -7.84
CA ASP D 22 28.17 17.69 -6.84
C ASP D 22 29.70 17.75 -6.43
N HIS D 23 30.55 17.99 -7.41
CA HIS D 23 32.00 18.22 -7.11
C HIS D 23 32.28 19.42 -6.18
N TYR D 24 31.77 20.56 -6.54
CA TYR D 24 31.86 21.76 -5.73
C TYR D 24 31.40 21.48 -4.27
N GLU D 25 30.25 20.83 -4.15
CA GLU D 25 29.61 20.70 -2.84
C GLU D 25 30.31 19.64 -1.97
N ARG D 26 30.73 18.55 -2.60
CA ARG D 26 31.37 17.45 -1.90
C ARG D 26 32.78 17.79 -1.46
N THR D 27 33.39 18.83 -2.01
CA THR D 27 34.72 19.21 -1.59
C THR D 27 34.68 20.35 -0.65
N GLN D 28 33.45 20.68 -0.22
CA GLN D 28 33.22 21.68 0.81
C GLN D 28 33.89 22.96 0.32
N THR D 29 33.86 23.13 -0.99
CA THR D 29 34.47 24.33 -1.59
C THR D 29 33.89 25.58 -0.98
N LYS D 30 34.80 26.32 -0.32
CA LYS D 30 34.50 27.47 0.52
C LYS D 30 34.55 28.79 -0.28
N GLU D 31 34.16 29.88 0.37
CA GLU D 31 34.00 31.21 -0.24
C GLU D 31 35.19 31.73 -1.06
N ASN D 32 34.89 32.17 -2.29
CA ASN D 32 35.94 32.64 -3.23
C ASN D 32 36.87 31.51 -3.72
N LYS D 33 36.84 30.33 -3.08
CA LYS D 33 37.57 29.20 -3.64
C LYS D 33 36.84 28.67 -4.89
N ARG D 34 37.49 27.84 -5.70
CA ARG D 34 36.79 27.28 -6.84
C ARG D 34 37.17 25.87 -7.02
N CYS D 35 36.32 25.10 -7.69
CA CYS D 35 36.67 23.82 -8.09
C CYS D 35 36.81 23.73 -9.67
N VAL D 36 37.55 22.73 -10.13
CA VAL D 36 37.97 22.66 -11.52
C VAL D 36 37.91 21.18 -11.96
N GLY D 37 37.61 20.97 -13.24
CA GLY D 37 37.48 19.61 -13.77
C GLY D 37 37.68 19.67 -15.29
N VAL D 38 37.55 18.51 -15.89
CA VAL D 38 37.61 18.29 -17.31
C VAL D 38 36.23 18.10 -17.89
N ILE D 39 35.98 18.57 -19.12
CA ILE D 39 34.75 18.22 -19.81
C ILE D 39 35.08 17.35 -21.01
N LEU D 40 34.12 16.50 -21.40
CA LEU D 40 34.29 15.53 -22.48
C LEU D 40 33.10 15.64 -23.41
N GLY D 41 33.29 15.33 -24.69
CA GLY D 41 32.13 15.41 -25.57
C GLY D 41 32.59 15.24 -27.00
N ASP D 42 32.01 16.08 -27.88
CA ASP D 42 32.24 16.00 -29.31
C ASP D 42 32.42 17.40 -29.85
N ALA D 43 33.66 17.65 -30.29
CA ALA D 43 34.00 18.94 -30.86
C ALA D 43 34.44 18.94 -32.33
N ASN D 44 34.04 17.95 -33.13
CA ASN D 44 34.35 18.09 -34.54
C ASN D 44 33.13 18.28 -35.47
N SER D 45 32.19 19.11 -35.03
CA SER D 45 31.35 19.84 -36.00
C SER D 45 31.19 21.22 -35.46
N SER D 46 30.37 22.00 -36.12
CA SER D 46 30.16 23.41 -35.77
C SER D 46 29.53 23.67 -34.38
N THR D 47 28.68 22.77 -33.94
CA THR D 47 28.13 22.77 -32.57
C THR D 47 28.92 21.78 -31.71
N ILE D 48 29.58 22.32 -30.68
CA ILE D 48 30.32 21.54 -29.75
C ILE D 48 29.38 20.86 -28.74
N ARG D 49 29.47 19.54 -28.59
CA ARG D 49 28.54 18.84 -27.71
C ARG D 49 29.26 18.41 -26.42
N VAL D 50 28.84 18.92 -25.25
CA VAL D 50 29.49 18.54 -23.96
C VAL D 50 28.61 17.51 -23.31
N THR D 51 29.13 16.30 -23.02
CA THR D 51 28.24 15.28 -22.54
C THR D 51 28.71 14.61 -21.26
N ASN D 52 29.93 14.91 -20.80
CA ASN D 52 30.45 14.24 -19.61
C ASN D 52 31.52 15.12 -19.00
N SER D 53 31.94 14.81 -17.77
CA SER D 53 32.88 15.69 -17.03
C SER D 53 33.50 14.85 -15.97
N PHE D 54 34.63 15.29 -15.44
CA PHE D 54 35.14 14.65 -14.22
C PHE D 54 35.97 15.66 -13.45
N ALA D 55 36.11 15.43 -12.15
CA ALA D 55 36.71 16.44 -11.31
C ALA D 55 38.20 16.31 -11.31
N LEU D 56 38.92 17.38 -11.06
CA LEU D 56 40.39 17.22 -10.92
C LEU D 56 40.82 17.62 -9.54
N PRO D 57 41.94 17.06 -9.00
CA PRO D 57 42.58 17.74 -7.83
C PRO D 57 43.23 19.05 -8.31
N PHE D 58 42.90 20.14 -7.68
CA PHE D 58 43.36 21.41 -8.16
C PHE D 58 43.53 22.22 -6.89
N GLU D 59 44.66 22.87 -6.71
CA GLU D 59 44.82 23.78 -5.58
C GLU D 59 45.37 25.09 -6.12
N GLU D 60 45.03 26.19 -5.48
CA GLU D 60 45.30 27.53 -5.90
C GLU D 60 45.67 28.39 -4.66
N ASP D 61 46.62 29.31 -4.75
CA ASP D 61 46.91 30.17 -3.61
C ASP D 61 45.88 31.29 -3.56
N GLU D 62 45.09 31.38 -2.50
CA GLU D 62 44.19 32.55 -2.36
C GLU D 62 44.95 33.91 -2.45
N LYS D 63 46.11 34.06 -1.83
CA LYS D 63 46.80 35.37 -1.92
C LYS D 63 47.66 35.63 -3.19
N ASN D 64 47.68 34.71 -4.16
CA ASN D 64 48.58 34.81 -5.34
C ASN D 64 48.16 33.96 -6.56
N SER D 65 47.45 34.60 -7.49
CA SER D 65 46.90 33.94 -8.70
C SER D 65 47.92 33.25 -9.65
N ASP D 66 49.20 33.58 -9.50
CA ASP D 66 50.26 32.96 -10.24
C ASP D 66 50.50 31.49 -9.80
N VAL D 67 49.96 31.09 -8.65
CA VAL D 67 50.35 29.81 -8.10
C VAL D 67 49.18 28.86 -8.04
N TRP D 68 49.27 27.81 -8.84
CA TRP D 68 48.20 26.84 -8.92
C TRP D 68 48.83 25.52 -9.35
N PHE D 69 48.17 24.41 -9.02
CA PHE D 69 48.65 23.07 -9.28
C PHE D 69 47.46 22.29 -9.78
N LEU D 70 47.63 21.67 -10.94
CA LEU D 70 46.72 20.67 -11.47
C LEU D 70 47.54 19.40 -11.45
N ASP D 71 46.87 18.29 -11.35
CA ASP D 71 47.64 17.07 -11.41
C ASP D 71 47.46 16.47 -12.84
N HIS D 72 48.49 16.63 -13.66
CA HIS D 72 48.61 16.02 -15.02
C HIS D 72 48.50 14.51 -15.03
N ASN D 73 49.22 13.81 -14.13
N ASN D 73 49.22 13.81 -14.16
CA ASN D 73 49.10 12.34 -13.93
CA ASN D 73 49.02 12.37 -14.10
C ASN D 73 47.63 11.90 -13.77
C ASN D 73 47.53 12.06 -14.03
N TYR D 74 46.82 12.74 -13.12
CA TYR D 74 45.40 12.45 -12.91
C TYR D 74 44.60 12.64 -14.22
N ILE D 75 44.90 13.69 -14.98
CA ILE D 75 44.14 13.87 -16.24
C ILE D 75 44.34 12.68 -17.14
N GLU D 76 45.57 12.24 -17.26
CA GLU D 76 45.86 11.23 -18.21
C GLU D 76 45.29 9.91 -17.68
N ASN D 77 45.42 9.63 -16.39
CA ASN D 77 44.92 8.34 -15.87
C ASN D 77 43.40 8.23 -15.93
N MET D 78 42.73 9.34 -15.70
CA MET D 78 41.28 9.31 -15.66
C MET D 78 40.73 9.20 -17.07
N ASN D 79 41.33 9.99 -17.97
CA ASN D 79 40.98 9.94 -19.39
C ASN D 79 41.09 8.52 -19.97
N GLU D 80 42.18 7.83 -19.63
CA GLU D 80 42.29 6.40 -19.95
C GLU D 80 41.12 5.58 -19.47
N MET D 81 40.60 5.85 -18.27
CA MET D 81 39.52 5.02 -17.77
C MET D 81 38.23 5.36 -18.52
N CYS D 82 38.01 6.62 -18.72
CA CYS D 82 36.81 7.14 -19.44
C CYS D 82 36.77 6.62 -20.89
N LYS D 83 37.93 6.51 -21.52
CA LYS D 83 38.02 5.91 -22.84
C LYS D 83 37.68 4.44 -22.87
N LYS D 84 37.92 3.74 -21.74
CA LYS D 84 37.57 2.33 -21.63
C LYS D 84 36.04 2.16 -21.58
N ILE D 85 35.30 3.20 -21.18
CA ILE D 85 33.84 3.13 -21.03
C ILE D 85 33.16 3.60 -22.32
N ASN D 86 33.59 4.76 -22.81
CA ASN D 86 33.06 5.36 -24.00
C ASN D 86 34.17 6.02 -24.82
N ALA D 87 34.67 5.32 -25.82
CA ALA D 87 35.65 5.86 -26.77
C ALA D 87 35.15 7.14 -27.52
N LYS D 88 33.88 7.18 -27.92
CA LYS D 88 33.32 8.42 -28.54
C LYS D 88 33.45 9.74 -27.71
N GLU D 89 33.49 9.70 -26.39
CA GLU D 89 33.62 10.95 -25.67
C GLU D 89 35.12 11.40 -25.56
N LYS D 90 35.48 12.56 -26.07
CA LYS D 90 36.87 12.95 -26.15
C LYS D 90 37.01 14.06 -25.19
N LEU D 91 38.24 14.26 -24.74
CA LEU D 91 38.56 15.39 -23.87
C LEU D 91 38.52 16.65 -24.73
N ILE D 92 37.67 17.63 -24.39
CA ILE D 92 37.45 18.82 -25.23
C ILE D 92 37.67 20.18 -24.51
N GLY D 93 37.77 20.19 -23.17
CA GLY D 93 38.21 21.33 -22.42
C GLY D 93 38.03 21.11 -20.91
N TRP D 94 37.58 22.16 -20.22
CA TRP D 94 37.65 22.11 -18.77
C TRP D 94 36.58 23.00 -18.21
N TYR D 95 36.33 22.91 -16.92
CA TYR D 95 35.32 23.73 -16.32
C TYR D 95 35.86 24.20 -14.95
N HIS D 96 35.25 25.24 -14.42
CA HIS D 96 35.52 25.61 -13.05
C HIS D 96 34.24 26.33 -12.56
N SER D 97 34.17 26.56 -11.26
CA SER D 97 32.98 26.98 -10.63
C SER D 97 32.90 28.43 -10.53
N GLY D 98 33.92 29.19 -10.91
CA GLY D 98 33.61 30.62 -11.09
C GLY D 98 33.60 31.41 -9.78
N PRO D 99 32.66 32.38 -9.61
CA PRO D 99 31.60 32.78 -10.55
C PRO D 99 32.04 33.43 -11.89
N LYS D 100 33.21 34.09 -11.96
CA LYS D 100 33.70 34.71 -13.22
C LYS D 100 35.04 34.14 -13.68
N LEU D 101 35.51 34.56 -14.86
CA LEU D 101 36.90 34.28 -15.34
C LEU D 101 37.90 34.86 -14.34
N ARG D 102 38.97 34.14 -14.11
CA ARG D 102 40.00 34.60 -13.14
C ARG D 102 41.36 34.80 -13.82
N ALA D 103 42.30 35.41 -13.08
CA ALA D 103 43.51 35.91 -13.69
C ALA D 103 44.28 34.76 -14.38
N SER D 104 44.27 33.57 -13.79
CA SER D 104 45.12 32.51 -14.26
C SER D 104 44.48 31.68 -15.38
N ASP D 105 43.23 31.98 -15.79
CA ASP D 105 42.51 31.01 -16.66
C ASP D 105 43.17 30.87 -18.08
N LEU D 106 43.76 31.93 -18.61
CA LEU D 106 44.41 31.80 -19.90
C LEU D 106 45.61 30.86 -19.84
N LYS D 107 46.38 30.91 -18.73
CA LYS D 107 47.48 29.99 -18.51
C LYS D 107 47.06 28.56 -18.26
N ILE D 108 45.97 28.36 -17.56
CA ILE D 108 45.49 27.04 -17.30
C ILE D 108 44.97 26.45 -18.64
N ASN D 109 44.28 27.31 -19.38
CA ASN D 109 43.65 26.90 -20.60
C ASN D 109 44.79 26.40 -21.52
N GLU D 110 45.93 27.09 -21.53
CA GLU D 110 47.11 26.61 -22.30
C GLU D 110 47.58 25.22 -21.97
N LEU D 111 47.54 24.84 -20.71
CA LEU D 111 47.88 23.50 -20.35
C LEU D 111 46.92 22.50 -20.97
N PHE D 112 45.61 22.82 -20.98
CA PHE D 112 44.65 21.91 -21.55
C PHE D 112 44.80 21.59 -23.07
N LYS D 113 45.43 22.49 -23.83
CA LYS D 113 45.72 22.26 -25.23
C LYS D 113 46.50 20.97 -25.43
N LYS D 114 47.38 20.59 -24.50
CA LYS D 114 48.09 19.34 -24.61
C LYS D 114 47.22 18.10 -24.61
N TYR D 115 45.96 18.24 -24.19
CA TYR D 115 45.13 17.06 -24.05
C TYR D 115 43.93 17.06 -24.96
N THR D 116 43.79 18.05 -25.80
CA THR D 116 42.58 18.20 -26.62
C THR D 116 43.07 18.12 -28.07
N GLN D 117 42.12 17.94 -28.99
CA GLN D 117 42.43 18.04 -30.37
C GLN D 117 41.50 19.10 -30.89
N ASN D 118 41.24 20.07 -30.04
CA ASN D 118 40.53 21.23 -30.50
C ASN D 118 41.10 22.41 -29.74
N ASN D 119 40.59 23.57 -30.00
CA ASN D 119 40.83 24.69 -29.16
C ASN D 119 39.98 24.56 -27.85
N PRO D 120 40.61 24.46 -26.65
CA PRO D 120 39.88 24.02 -25.43
C PRO D 120 38.66 24.91 -25.10
N LEU D 121 37.55 24.27 -24.84
CA LEU D 121 36.38 25.02 -24.42
C LEU D 121 36.48 25.20 -22.91
N LEU D 122 36.31 26.45 -22.42
CA LEU D 122 36.15 26.63 -20.94
C LEU D 122 34.68 26.82 -20.51
N LEU D 123 34.18 26.00 -19.62
CA LEU D 123 32.82 26.18 -19.14
C LEU D 123 32.89 26.67 -17.72
N ILE D 124 32.33 27.85 -17.44
CA ILE D 124 32.18 28.27 -16.03
C ILE D 124 30.80 27.92 -15.55
N VAL D 125 30.71 27.10 -14.51
CA VAL D 125 29.42 26.62 -14.01
C VAL D 125 29.09 27.44 -12.76
N ASP D 126 27.96 28.14 -12.78
CA ASP D 126 27.43 28.85 -11.63
C ASP D 126 26.95 27.86 -10.62
N VAL D 127 27.75 27.58 -9.62
CA VAL D 127 27.32 26.62 -8.66
C VAL D 127 26.48 27.27 -7.51
N LYS D 128 26.56 28.57 -7.30
CA LYS D 128 25.75 29.27 -6.26
C LYS D 128 24.36 29.74 -6.76
N GLN D 129 24.13 29.59 -8.07
CA GLN D 129 22.87 29.97 -8.71
C GLN D 129 22.31 31.39 -8.43
N GLN D 130 22.93 32.43 -9.00
CA GLN D 130 22.40 33.82 -8.78
C GLN D 130 21.00 34.14 -9.37
N GLY D 131 20.71 33.66 -10.58
CA GLY D 131 19.43 33.94 -11.27
C GLY D 131 18.76 32.80 -12.04
N VAL D 132 17.86 33.18 -12.96
CA VAL D 132 17.26 32.26 -13.98
C VAL D 132 18.18 32.21 -15.21
N GLY D 133 18.31 31.01 -15.81
CA GLY D 133 19.06 30.90 -17.06
C GLY D 133 19.98 29.75 -16.94
N LEU D 134 20.62 29.36 -18.05
CA LEU D 134 21.52 28.18 -17.96
C LEU D 134 22.64 28.56 -16.99
N PRO D 135 22.94 27.70 -16.01
CA PRO D 135 23.98 28.07 -15.01
C PRO D 135 25.42 27.79 -15.50
N THR D 136 25.75 28.24 -16.71
CA THR D 136 27.10 28.02 -17.31
C THR D 136 27.28 29.09 -18.29
N ASP D 137 28.51 29.49 -18.52
CA ASP D 137 28.85 30.42 -19.60
C ASP D 137 30.01 29.71 -20.32
N ALA D 138 30.00 29.68 -21.66
CA ALA D 138 30.99 28.99 -22.42
C ALA D 138 31.97 29.98 -23.07
N TYR D 139 33.27 29.65 -23.01
CA TYR D 139 34.36 30.46 -23.56
C TYR D 139 35.41 29.63 -24.31
N VAL D 140 36.06 30.29 -25.24
CA VAL D 140 37.18 29.73 -26.00
C VAL D 140 38.22 30.86 -26.08
N ALA D 141 39.51 30.52 -26.00
CA ALA D 141 40.56 31.53 -26.14
C ALA D 141 40.85 31.80 -27.58
N ILE D 142 40.84 33.06 -27.96
CA ILE D 142 41.22 33.47 -29.33
C ILE D 142 42.36 34.52 -29.29
N GLU D 143 43.22 34.57 -30.32
CA GLU D 143 44.25 35.60 -30.43
C GLU D 143 43.64 36.72 -31.24
N GLN D 144 42.93 37.64 -30.57
CA GLN D 144 42.08 38.64 -31.23
C GLN D 144 42.79 39.94 -31.64
N VAL D 145 42.09 40.75 -32.45
CA VAL D 145 42.56 42.05 -32.97
C VAL D 145 42.96 43.08 -31.92
N THR D 152 47.16 41.93 -31.98
CA THR D 152 46.66 40.73 -31.30
C THR D 152 47.07 40.61 -29.81
N GLU D 153 46.11 40.31 -28.94
CA GLU D 153 46.34 39.79 -27.54
C GLU D 153 45.44 38.57 -27.34
N LYS D 154 45.84 37.53 -26.58
CA LYS D 154 44.88 36.43 -26.28
C LYS D 154 43.78 36.84 -25.27
N THR D 155 42.56 36.39 -25.54
CA THR D 155 41.34 36.85 -24.86
C THR D 155 40.32 35.72 -24.94
N PHE D 156 39.47 35.57 -23.93
CA PHE D 156 38.39 34.63 -24.04
C PHE D 156 37.21 35.20 -24.83
N LEU D 157 36.56 34.38 -25.64
CA LEU D 157 35.38 34.80 -26.42
C LEU D 157 34.22 33.97 -25.90
N HIS D 158 33.10 34.63 -25.63
CA HIS D 158 31.88 33.98 -25.16
C HIS D 158 31.17 33.27 -26.33
N LEU D 159 30.78 32.01 -26.16
CA LEU D 159 29.89 31.33 -27.12
C LEU D 159 28.50 31.10 -26.49
N PRO D 160 27.40 31.22 -27.27
CA PRO D 160 26.10 30.86 -26.71
C PRO D 160 26.02 29.36 -26.44
N CYS D 161 25.30 29.03 -25.39
CA CYS D 161 25.07 27.65 -25.11
C CYS D 161 23.65 27.29 -24.69
N THR D 162 23.33 26.05 -24.96
CA THR D 162 22.00 25.54 -24.94
C THR D 162 22.08 24.14 -24.25
N ILE D 163 20.95 23.58 -23.88
CA ILE D 163 20.89 22.30 -23.20
C ILE D 163 20.41 21.30 -24.19
N GLU D 164 21.16 20.22 -24.32
CA GLU D 164 20.68 19.10 -25.11
C GLU D 164 21.33 17.82 -24.58
N ALA D 165 20.50 16.85 -24.30
CA ALA D 165 21.04 15.51 -24.17
C ALA D 165 20.02 14.58 -24.79
N GLU D 166 20.46 13.32 -24.79
CA GLU D 166 19.79 12.20 -25.40
C GLU D 166 18.46 11.99 -24.69
N GLU D 167 17.50 11.42 -25.39
CA GLU D 167 16.17 11.18 -24.84
C GLU D 167 16.07 10.57 -23.40
N ALA D 168 16.94 9.60 -23.08
CA ALA D 168 16.83 8.88 -21.81
C ALA D 168 17.21 9.83 -20.65
N GLU D 169 18.24 10.65 -20.88
CA GLU D 169 18.65 11.65 -19.92
C GLU D 169 17.54 12.67 -19.71
N GLU D 170 16.74 12.96 -20.75
CA GLU D 170 15.75 14.05 -20.68
C GLU D 170 14.51 13.57 -19.92
N ILE D 171 14.20 12.28 -20.09
CA ILE D 171 13.22 11.64 -19.28
C ILE D 171 13.67 11.60 -17.80
N GLY D 172 14.93 11.29 -17.56
CA GLY D 172 15.46 11.20 -16.18
C GLY D 172 15.28 12.53 -15.44
N VAL D 173 15.56 13.62 -16.14
CA VAL D 173 15.43 14.96 -15.60
C VAL D 173 14.00 15.24 -15.28
N GLU D 174 13.04 14.91 -16.17
CA GLU D 174 11.64 15.13 -15.87
C GLU D 174 11.14 14.27 -14.69
N HIS D 175 11.71 13.08 -14.51
CA HIS D 175 11.33 12.21 -13.35
C HIS D 175 11.87 12.76 -12.02
N LEU D 176 13.11 13.27 -12.07
CA LEU D 176 13.71 13.96 -10.96
C LEU D 176 12.87 15.15 -10.50
N LEU D 177 12.30 15.93 -11.44
CA LEU D 177 11.50 17.10 -11.12
C LEU D 177 10.08 16.76 -10.72
N ARG D 178 9.62 15.54 -11.00
CA ARG D 178 8.30 15.16 -10.57
C ARG D 178 8.43 14.45 -9.25
N THR E 23 7.39 -1.06 8.08
CA THR E 23 8.51 -0.24 7.55
C THR E 23 9.12 -0.87 6.29
N LYS E 24 9.21 -0.10 5.19
CA LYS E 24 9.68 -0.72 3.96
C LYS E 24 11.08 -0.20 3.58
N GLU E 25 11.90 -1.10 3.09
CA GLU E 25 13.23 -0.71 2.66
C GLU E 25 13.17 0.07 1.36
N THR E 26 13.96 1.13 1.31
CA THR E 26 14.00 1.99 0.20
C THR E 26 15.42 2.32 -0.15
N VAL E 27 15.68 2.40 -1.47
CA VAL E 27 16.87 2.88 -2.03
C VAL E 27 16.60 4.26 -2.56
N TYR E 28 17.40 5.23 -2.11
CA TYR E 28 17.21 6.64 -2.52
C TYR E 28 18.31 6.94 -3.51
N ILE E 29 17.96 7.33 -4.76
CA ILE E 29 18.96 7.53 -5.80
C ILE E 29 19.15 9.00 -6.02
N SER E 30 20.37 9.51 -5.84
CA SER E 30 20.68 10.89 -6.22
C SER E 30 20.46 11.15 -7.73
N SER E 31 20.23 12.42 -8.11
CA SER E 31 20.14 12.90 -9.46
C SER E 31 21.24 12.40 -10.40
N ILE E 32 22.50 12.62 -10.04
CA ILE E 32 23.59 12.19 -10.85
C ILE E 32 23.64 10.67 -10.95
N ALA E 33 23.35 9.91 -9.88
CA ALA E 33 23.35 8.49 -10.03
C ALA E 33 22.29 8.05 -11.03
N LEU E 34 21.06 8.60 -10.97
CA LEU E 34 20.09 8.22 -11.92
C LEU E 34 20.53 8.52 -13.38
N LEU E 35 21.04 9.72 -13.63
CA LEU E 35 21.34 10.12 -14.99
C LEU E 35 22.49 9.33 -15.56
N LYS E 36 23.47 9.06 -14.72
CA LYS E 36 24.59 8.24 -15.11
C LYS E 36 24.20 6.82 -15.50
N MET E 37 23.36 6.21 -14.68
CA MET E 37 22.80 4.89 -15.03
C MET E 37 22.07 4.88 -16.35
N LEU E 38 21.19 5.87 -16.55
CA LEU E 38 20.45 6.03 -17.76
C LEU E 38 21.33 6.29 -18.99
N LYS E 39 22.35 7.15 -18.83
CA LYS E 39 23.31 7.48 -19.90
C LYS E 39 24.07 6.21 -20.36
N HIS E 40 24.66 5.53 -19.38
CA HIS E 40 25.47 4.30 -19.61
C HIS E 40 24.63 3.22 -20.27
N GLY E 41 23.50 2.88 -19.63
CA GLY E 41 22.58 1.90 -20.16
C GLY E 41 22.16 2.16 -21.60
N ARG E 42 21.84 3.43 -21.90
CA ARG E 42 21.51 3.85 -23.24
C ARG E 42 22.68 3.71 -24.22
N ALA E 43 23.88 4.15 -23.81
CA ALA E 43 25.03 4.05 -24.71
C ALA E 43 25.45 2.58 -24.94
N GLY E 44 25.22 1.69 -23.98
CA GLY E 44 25.64 0.32 -24.13
C GLY E 44 24.80 -0.53 -25.07
N VAL E 45 23.53 -0.15 -25.24
CA VAL E 45 22.62 -0.77 -26.22
C VAL E 45 23.31 -1.07 -27.55
N PRO E 46 23.26 -2.34 -28.01
CA PRO E 46 22.42 -3.47 -27.60
C PRO E 46 22.92 -4.33 -26.42
N MET E 47 24.13 -4.08 -25.94
CA MET E 47 24.74 -4.95 -24.96
C MET E 47 24.30 -4.52 -23.58
N GLU E 48 24.19 -5.50 -22.69
CA GLU E 48 24.05 -5.25 -21.28
C GLU E 48 25.29 -4.56 -20.74
N VAL E 49 25.12 -3.57 -19.85
CA VAL E 49 26.23 -2.87 -19.21
C VAL E 49 26.07 -2.99 -17.71
N MET E 50 27.17 -2.81 -16.97
CA MET E 50 27.03 -2.79 -15.55
C MET E 50 27.93 -1.72 -14.96
N GLY E 51 27.65 -1.33 -13.71
CA GLY E 51 28.59 -0.53 -12.95
C GLY E 51 28.35 -0.68 -11.45
N LEU E 52 29.12 0.08 -10.69
CA LEU E 52 29.03 -0.04 -9.26
C LEU E 52 28.26 1.15 -8.70
N MET E 53 27.60 0.97 -7.55
CA MET E 53 26.88 2.09 -6.90
C MET E 53 27.59 2.48 -5.59
N LEU E 54 27.76 3.76 -5.38
CA LEU E 54 28.51 4.27 -4.23
C LEU E 54 27.48 5.04 -3.33
N GLY E 55 27.58 4.87 -2.02
CA GLY E 55 26.74 5.66 -1.09
C GLY E 55 26.89 5.12 0.31
N GLU E 56 25.75 4.99 1.01
CA GLU E 56 25.87 4.53 2.38
C GLU E 56 24.61 3.79 2.77
N PHE E 57 24.77 2.82 3.67
CA PHE E 57 23.67 2.16 4.32
C PHE E 57 23.35 2.95 5.60
N VAL E 58 22.07 3.19 5.83
CA VAL E 58 21.61 3.78 7.10
C VAL E 58 20.74 2.74 7.79
N ASP E 59 21.36 1.96 8.66
CA ASP E 59 20.63 0.77 9.14
C ASP E 59 20.14 -0.24 8.04
N ASP E 60 18.98 -0.85 8.29
CA ASP E 60 18.36 -1.83 7.38
C ASP E 60 17.40 -1.30 6.35
N TYR E 61 16.71 -0.20 6.67
CA TYR E 61 15.67 0.38 5.82
C TYR E 61 16.04 1.45 4.76
N THR E 62 17.27 1.92 4.78
CA THR E 62 17.61 3.02 3.92
C THR E 62 18.90 2.71 3.19
N VAL E 63 18.88 2.73 1.87
CA VAL E 63 20.14 2.70 1.12
C VAL E 63 20.25 4.03 0.34
N ASN E 64 21.32 4.78 0.56
CA ASN E 64 21.50 6.02 -0.22
C ASN E 64 22.47 5.76 -1.30
N VAL E 65 22.06 5.92 -2.54
CA VAL E 65 23.02 5.74 -3.69
C VAL E 65 23.36 7.15 -4.11
N VAL E 66 24.59 7.57 -3.85
CA VAL E 66 24.99 8.96 -4.01
C VAL E 66 25.66 9.17 -5.44
N ASP E 67 26.27 8.11 -5.97
CA ASP E 67 26.94 8.17 -7.28
C ASP E 67 27.10 6.74 -7.79
N VAL E 68 27.64 6.61 -9.00
CA VAL E 68 27.83 5.34 -9.66
C VAL E 68 29.01 5.49 -10.57
N PHE E 69 29.64 4.37 -10.89
CA PHE E 69 30.45 4.40 -12.10
C PHE E 69 30.33 3.08 -12.87
N ALA E 70 30.52 3.24 -14.17
CA ALA E 70 30.56 2.22 -15.18
C ALA E 70 31.79 1.30 -15.11
N MET E 71 31.53 0.01 -15.32
CA MET E 71 32.63 -0.95 -15.57
C MET E 71 32.76 -1.09 -17.08
N PRO E 72 33.99 -1.37 -17.59
CA PRO E 72 34.22 -1.62 -19.04
C PRO E 72 33.44 -2.90 -19.47
N GLN E 73 32.96 -2.94 -20.71
CA GLN E 73 32.39 -4.17 -21.34
C GLN E 73 33.36 -5.33 -21.33
N SER E 74 32.98 -6.49 -20.76
CA SER E 74 33.95 -7.62 -20.73
C SER E 74 33.94 -8.52 -21.97
N GLY E 75 32.77 -8.75 -22.57
CA GLY E 75 32.64 -9.77 -23.62
C GLY E 75 32.00 -11.00 -23.01
N THR E 76 32.32 -11.26 -21.74
CA THR E 76 31.68 -12.33 -20.95
C THR E 76 30.35 -11.93 -20.25
N GLY E 77 29.53 -11.10 -20.95
CA GLY E 77 28.23 -10.60 -20.48
C GLY E 77 28.30 -9.96 -19.09
N VAL E 78 27.18 -9.55 -18.54
CA VAL E 78 27.22 -9.07 -17.16
C VAL E 78 27.30 -10.27 -16.13
N SER E 79 28.35 -10.28 -15.31
CA SER E 79 28.62 -11.39 -14.33
C SER E 79 29.73 -10.94 -13.38
N VAL E 80 30.03 -11.75 -12.36
CA VAL E 80 31.13 -11.44 -11.43
C VAL E 80 32.43 -11.10 -12.22
N GLU E 81 32.72 -11.85 -13.29
CA GLU E 81 33.89 -11.60 -14.13
C GLU E 81 34.01 -10.20 -14.71
N ALA E 82 32.88 -9.60 -15.08
CA ALA E 82 32.82 -8.25 -15.64
C ALA E 82 33.26 -7.19 -14.62
N VAL E 83 33.30 -7.55 -13.33
CA VAL E 83 33.81 -6.62 -12.33
C VAL E 83 35.33 -6.69 -12.35
N ASP E 84 35.93 -5.66 -12.97
CA ASP E 84 37.38 -5.52 -13.13
C ASP E 84 37.91 -4.80 -11.90
N ASP E 85 38.61 -5.55 -11.05
CA ASP E 85 38.86 -5.03 -9.71
C ASP E 85 40.05 -4.07 -9.76
N VAL E 86 40.95 -4.21 -10.74
CA VAL E 86 42.01 -3.24 -10.99
C VAL E 86 41.41 -1.88 -11.40
N PHE E 87 40.49 -1.92 -12.37
CA PHE E 87 39.68 -0.80 -12.71
C PHE E 87 38.99 -0.21 -11.44
N GLN E 88 38.32 -1.02 -10.60
CA GLN E 88 37.44 -0.43 -9.55
C GLN E 88 38.36 0.23 -8.53
N ALA E 89 39.45 -0.47 -8.19
CA ALA E 89 40.44 0.03 -7.24
C ALA E 89 41.01 1.41 -7.71
N LYS E 90 41.35 1.53 -8.98
CA LYS E 90 41.93 2.78 -9.51
C LYS E 90 40.91 3.89 -9.54
N MET E 91 39.69 3.58 -9.99
CA MET E 91 38.61 4.49 -9.91
C MET E 91 38.27 4.99 -8.46
N MET E 92 38.17 4.09 -7.47
CA MET E 92 37.89 4.53 -6.10
C MET E 92 39.00 5.37 -5.51
N ASP E 93 40.23 5.05 -5.79
CA ASP E 93 41.30 5.90 -5.35
C ASP E 93 41.31 7.29 -5.95
N MET E 94 41.12 7.40 -7.27
CA MET E 94 40.97 8.71 -7.90
C MET E 94 39.73 9.47 -7.40
N LEU E 95 38.59 8.82 -7.21
CA LEU E 95 37.44 9.56 -6.67
C LEU E 95 37.74 10.11 -5.25
N LYS E 96 38.38 9.27 -4.45
CA LYS E 96 38.73 9.68 -3.11
C LYS E 96 39.49 11.02 -3.15
N GLN E 97 40.39 11.19 -4.12
CA GLN E 97 41.20 12.39 -4.27
C GLN E 97 40.43 13.64 -4.60
N THR E 98 39.24 13.50 -5.10
CA THR E 98 38.41 14.64 -5.40
C THR E 98 37.10 14.59 -4.62
N GLY E 99 37.19 14.00 -3.43
CA GLY E 99 36.19 14.24 -2.38
C GLY E 99 34.99 13.32 -2.41
N ARG E 100 35.04 12.31 -3.24
CA ARG E 100 33.99 11.30 -3.32
C ARG E 100 34.56 10.10 -2.55
N ASP E 101 34.11 9.88 -1.34
CA ASP E 101 34.69 8.88 -0.42
C ASP E 101 33.72 7.75 0.00
N GLN E 102 32.69 7.44 -0.77
CA GLN E 102 31.67 6.53 -0.28
C GLN E 102 31.97 5.04 -0.53
N MET E 103 31.49 4.14 0.33
CA MET E 103 31.67 2.73 0.06
C MET E 103 30.74 2.27 -1.08
N VAL E 104 31.03 1.09 -1.63
CA VAL E 104 30.17 0.40 -2.60
C VAL E 104 28.97 -0.17 -1.86
N VAL E 105 27.77 0.10 -2.34
CA VAL E 105 26.52 -0.36 -1.71
C VAL E 105 25.71 -1.25 -2.61
N GLY E 106 26.23 -1.47 -3.81
CA GLY E 106 25.64 -2.41 -4.67
C GLY E 106 26.11 -2.17 -6.09
N TRP E 107 25.31 -2.65 -7.05
CA TRP E 107 25.69 -2.63 -8.42
C TRP E 107 24.46 -2.42 -9.26
N TYR E 108 24.66 -1.98 -10.49
CA TYR E 108 23.53 -1.82 -11.34
C TYR E 108 23.84 -2.53 -12.61
N HIS E 109 22.81 -2.99 -13.31
CA HIS E 109 23.02 -3.37 -14.72
C HIS E 109 21.80 -3.09 -15.59
N SER E 110 22.01 -2.98 -16.89
CA SER E 110 20.89 -2.77 -17.85
C SER E 110 20.25 -4.06 -18.43
N HIS E 111 18.97 -4.00 -18.74
CA HIS E 111 18.29 -5.09 -19.41
C HIS E 111 17.63 -4.51 -20.62
N PRO E 112 18.40 -4.33 -21.73
CA PRO E 112 17.86 -3.71 -22.94
C PRO E 112 16.57 -4.42 -23.39
N GLY E 113 15.43 -3.90 -22.92
CA GLY E 113 14.12 -4.23 -23.51
C GLY E 113 13.32 -5.38 -22.88
N PHE E 114 13.80 -5.91 -21.77
CA PHE E 114 13.09 -7.03 -21.15
C PHE E 114 13.05 -6.88 -19.64
N GLY E 115 12.89 -5.61 -19.22
CA GLY E 115 12.40 -5.26 -17.90
C GLY E 115 13.26 -5.63 -16.71
N CYS E 116 12.72 -5.38 -15.52
CA CYS E 116 13.54 -5.49 -14.31
C CYS E 116 13.25 -6.75 -13.52
N TRP E 117 14.24 -7.59 -13.44
CA TRP E 117 14.18 -8.87 -12.72
C TRP E 117 15.63 -9.34 -12.76
N LEU E 118 15.97 -10.40 -12.04
CA LEU E 118 17.33 -10.93 -11.99
C LEU E 118 17.35 -12.29 -12.64
N SER E 119 18.17 -12.49 -13.65
CA SER E 119 18.39 -13.86 -14.17
C SER E 119 19.15 -14.69 -13.11
N SER E 120 19.32 -15.96 -13.34
CA SER E 120 20.08 -16.77 -12.42
C SER E 120 21.55 -16.33 -12.32
N VAL E 121 22.13 -15.85 -13.41
CA VAL E 121 23.50 -15.34 -13.36
C VAL E 121 23.55 -14.09 -12.49
N ASP E 122 22.56 -13.19 -12.60
CA ASP E 122 22.47 -12.06 -11.66
C ASP E 122 22.37 -12.45 -10.19
N VAL E 123 21.61 -13.48 -9.89
CA VAL E 123 21.54 -14.03 -8.53
C VAL E 123 22.92 -14.38 -8.08
N ASN E 124 23.69 -15.03 -8.93
CA ASN E 124 25.07 -15.39 -8.61
C ASN E 124 25.91 -14.20 -8.32
N THR E 125 25.77 -13.15 -9.16
CA THR E 125 26.49 -11.92 -9.05
C THR E 125 26.10 -11.19 -7.75
N GLN E 126 24.79 -11.07 -7.50
CA GLN E 126 24.29 -10.62 -6.19
C GLN E 126 24.84 -11.37 -4.96
N LYS E 127 24.95 -12.70 -5.05
CA LYS E 127 25.38 -13.44 -3.87
C LYS E 127 26.76 -13.01 -3.54
N SER E 128 27.50 -12.64 -4.57
CA SER E 128 28.85 -12.25 -4.33
C SER E 128 28.98 -10.89 -3.65
N PHE E 129 28.20 -9.89 -4.09
CA PHE E 129 28.14 -8.57 -3.44
C PHE E 129 27.61 -8.77 -2.02
N GLU E 130 26.63 -9.64 -1.86
CA GLU E 130 26.16 -9.95 -0.48
C GLU E 130 27.24 -10.45 0.44
N GLN E 131 28.25 -11.12 -0.12
CA GLN E 131 29.30 -11.67 0.69
C GLN E 131 30.26 -10.58 1.16
N LEU E 132 30.44 -9.52 0.38
CA LEU E 132 31.19 -8.28 0.70
C LEU E 132 30.38 -7.34 1.68
N ASN E 133 29.06 -7.28 1.51
CA ASN E 133 28.22 -6.54 2.42
C ASN E 133 26.81 -7.10 2.36
N SER E 134 26.29 -7.62 3.48
CA SER E 134 25.01 -8.31 3.48
C SER E 134 23.84 -7.37 3.12
N ARG E 135 24.06 -6.05 3.11
CA ARG E 135 22.99 -5.13 2.71
C ARG E 135 23.09 -4.71 1.22
N ALA E 136 23.98 -5.29 0.44
CA ALA E 136 24.14 -4.81 -0.93
C ALA E 136 22.82 -4.93 -1.72
N VAL E 137 22.67 -4.06 -2.71
N VAL E 137 22.62 -4.03 -2.67
CA VAL E 137 21.47 -3.93 -3.51
CA VAL E 137 21.44 -4.11 -3.51
C VAL E 137 21.84 -4.14 -4.98
C VAL E 137 21.84 -4.19 -4.97
N ALA E 138 20.94 -4.79 -5.75
CA ALA E 138 21.05 -4.90 -7.22
C ALA E 138 20.00 -4.03 -7.88
N VAL E 139 20.43 -3.08 -8.68
CA VAL E 139 19.50 -2.18 -9.42
C VAL E 139 19.52 -2.62 -10.90
N VAL E 140 18.34 -2.74 -11.50
CA VAL E 140 18.20 -3.13 -12.90
C VAL E 140 17.46 -1.95 -13.60
N VAL E 141 18.02 -1.52 -14.72
CA VAL E 141 17.45 -0.42 -15.51
C VAL E 141 17.13 -1.04 -16.88
N ASP E 142 15.94 -0.80 -17.41
CA ASP E 142 15.73 -1.17 -18.81
C ASP E 142 15.77 0.12 -19.68
N PRO E 143 16.89 0.37 -20.39
CA PRO E 143 17.04 1.65 -21.11
C PRO E 143 16.14 1.77 -22.39
N ILE E 144 15.69 0.64 -22.94
CA ILE E 144 14.85 0.63 -24.12
C ILE E 144 13.39 0.93 -23.83
N GLN E 145 12.94 0.57 -22.64
CA GLN E 145 11.56 0.80 -22.25
C GLN E 145 11.38 2.17 -21.58
N SER E 146 12.49 2.81 -21.23
CA SER E 146 12.51 4.19 -20.68
C SER E 146 12.53 5.18 -21.85
N VAL E 147 11.49 5.22 -22.65
CA VAL E 147 11.47 6.13 -23.80
C VAL E 147 10.15 6.83 -24.06
N LYS E 148 9.09 6.42 -23.39
CA LYS E 148 7.75 7.02 -23.63
C LYS E 148 7.44 8.09 -22.54
N GLY E 149 8.50 8.55 -21.88
CA GLY E 149 8.39 9.38 -20.68
C GLY E 149 8.27 8.55 -19.39
N LYS E 150 8.64 7.27 -19.42
CA LYS E 150 8.77 6.57 -18.15
C LYS E 150 10.18 6.01 -18.04
N VAL E 151 10.64 5.91 -16.77
CA VAL E 151 11.89 5.26 -16.36
C VAL E 151 11.59 3.86 -15.77
N VAL E 152 12.10 2.83 -16.39
CA VAL E 152 11.81 1.49 -15.92
C VAL E 152 13.00 1.06 -15.08
N ILE E 153 12.86 1.11 -13.77
CA ILE E 153 14.01 0.81 -12.93
C ILE E 153 13.51 0.07 -11.68
N ASP E 154 14.34 -0.83 -11.12
CA ASP E 154 13.96 -1.47 -9.88
C ASP E 154 15.18 -1.87 -9.09
N ALA E 155 14.98 -2.25 -7.82
CA ALA E 155 16.09 -2.57 -6.92
C ALA E 155 15.72 -3.79 -6.13
N PHE E 156 16.67 -4.71 -5.98
CA PHE E 156 16.37 -6.01 -5.42
C PHE E 156 17.34 -6.35 -4.33
N ARG E 157 16.88 -7.17 -3.39
CA ARG E 157 17.78 -7.92 -2.54
C ARG E 157 17.40 -9.38 -2.53
N LEU E 158 18.27 -10.29 -2.08
CA LEU E 158 17.87 -11.67 -1.98
C LEU E 158 17.16 -11.94 -0.71
N ILE E 159 16.33 -12.99 -0.74
CA ILE E 159 15.69 -13.48 0.46
C ILE E 159 16.75 -13.86 1.49
N ASP E 160 16.52 -13.42 2.73
CA ASP E 160 17.48 -13.58 3.80
C ASP E 160 17.13 -14.82 4.59
N THR E 161 17.60 -15.95 4.10
CA THR E 161 17.30 -17.25 4.69
C THR E 161 17.51 -17.27 6.19
N GLY E 162 18.63 -16.72 6.65
CA GLY E 162 19.01 -16.80 8.07
C GLY E 162 18.09 -16.02 9.00
N ALA E 163 17.69 -14.82 8.57
CA ALA E 163 16.79 -13.96 9.36
C ALA E 163 15.43 -14.62 9.51
N LEU E 164 15.10 -15.44 8.53
CA LEU E 164 13.90 -16.28 8.55
C LEU E 164 14.03 -17.51 9.47
N ILE E 165 15.21 -18.10 9.55
CA ILE E 165 15.43 -19.24 10.43
C ILE E 165 15.65 -18.77 11.88
N ASN E 166 16.29 -17.63 12.06
CA ASN E 166 16.36 -17.00 13.38
C ASN E 166 14.99 -16.66 13.97
N ASN E 167 14.06 -16.27 13.10
CA ASN E 167 12.67 -16.09 13.50
C ASN E 167 11.89 -17.41 13.64
N LEU E 168 12.60 -18.53 13.45
CA LEU E 168 12.01 -19.89 13.50
C LEU E 168 12.82 -20.81 14.41
N ASN E 181 7.09 -31.90 14.51
CA ASN E 181 6.74 -30.70 13.76
C ASN E 181 7.92 -29.78 13.37
N LYS E 182 9.06 -29.89 14.06
CA LYS E 182 10.17 -28.93 13.89
C LYS E 182 11.07 -29.07 12.62
N ALA E 183 10.83 -30.09 11.81
CA ALA E 183 11.83 -30.63 10.84
C ALA E 183 12.04 -29.96 9.44
N ASN E 184 11.03 -30.06 8.57
CA ASN E 184 11.08 -29.61 7.16
C ASN E 184 11.25 -28.11 6.95
N ILE E 185 11.06 -27.36 8.04
CA ILE E 185 11.13 -25.90 8.03
C ILE E 185 12.57 -25.41 7.75
N GLN E 186 13.55 -26.31 7.92
CA GLN E 186 14.96 -26.03 7.61
C GLN E 186 15.27 -26.25 6.12
N ALA E 187 14.69 -27.31 5.55
CA ALA E 187 14.85 -27.66 4.14
C ALA E 187 14.10 -26.72 3.16
N LEU E 188 12.94 -26.19 3.56
CA LEU E 188 12.12 -25.33 2.67
C LEU E 188 12.67 -23.92 2.54
N ILE E 189 12.99 -23.32 3.69
CA ILE E 189 13.67 -22.02 3.76
C ILE E 189 15.07 -22.04 3.08
N HIS E 190 15.74 -23.17 3.13
CA HIS E 190 16.93 -23.31 2.30
C HIS E 190 16.56 -23.24 0.81
N GLY E 191 15.42 -23.81 0.44
CA GLY E 191 14.94 -23.76 -0.94
C GLY E 191 14.59 -22.37 -1.48
N LEU E 192 14.87 -21.30 -0.73
CA LEU E 192 14.48 -19.95 -1.11
C LEU E 192 15.68 -19.00 -1.26
N ASN E 193 16.87 -19.52 -0.94
CA ASN E 193 18.19 -18.88 -1.10
C ASN E 193 18.29 -17.97 -2.36
N ARG E 194 17.77 -18.51 -3.46
CA ARG E 194 17.91 -17.87 -4.77
C ARG E 194 16.74 -16.95 -5.14
N HIS E 195 15.71 -16.85 -4.31
CA HIS E 195 14.64 -15.88 -4.61
C HIS E 195 15.01 -14.48 -4.09
N TYR E 196 14.28 -13.49 -4.59
CA TYR E 196 14.61 -12.12 -4.35
C TYR E 196 13.35 -11.30 -4.18
N TYR E 197 13.47 -10.07 -3.71
CA TYR E 197 12.31 -9.25 -3.55
C TYR E 197 12.69 -7.85 -3.93
N SER E 198 11.69 -7.02 -4.14
CA SER E 198 11.86 -5.71 -4.72
C SER E 198 11.81 -4.68 -3.58
N LEU E 199 12.74 -3.76 -3.60
CA LEU E 199 12.74 -2.58 -2.69
C LEU E 199 12.09 -1.38 -3.37
N ASN E 200 11.49 -0.50 -2.60
CA ASN E 200 11.03 0.75 -3.09
C ASN E 200 12.17 1.62 -3.57
N ILE E 201 11.91 2.41 -4.61
CA ILE E 201 12.87 3.34 -5.14
C ILE E 201 12.38 4.74 -4.98
N ASP E 202 13.25 5.63 -4.49
CA ASP E 202 12.93 7.03 -4.35
C ASP E 202 14.08 7.85 -4.89
N TYR E 203 13.85 9.08 -5.34
CA TYR E 203 14.94 9.94 -5.87
C TYR E 203 15.22 11.05 -4.84
N HIS E 204 16.50 11.33 -4.63
CA HIS E 204 16.87 12.36 -3.70
C HIS E 204 17.46 13.51 -4.50
N LYS E 205 16.96 14.69 -4.31
CA LYS E 205 17.70 15.88 -4.69
C LYS E 205 17.83 16.96 -3.63
N THR E 206 19.00 17.60 -3.55
CA THR E 206 19.14 18.79 -2.70
C THR E 206 18.35 19.98 -3.29
N ALA E 207 18.20 21.02 -2.48
CA ALA E 207 17.44 22.15 -2.89
C ALA E 207 18.26 22.83 -3.99
N LYS E 208 19.59 22.71 -3.93
CA LYS E 208 20.47 23.36 -4.97
C LYS E 208 20.32 22.62 -6.31
N GLU E 209 20.31 21.28 -6.26
CA GLU E 209 20.09 20.42 -7.44
C GLU E 209 18.70 20.75 -8.03
N THR E 210 17.68 20.88 -7.18
CA THR E 210 16.32 21.24 -7.63
C THR E 210 16.35 22.52 -8.47
N LYS E 211 17.02 23.55 -7.95
CA LYS E 211 17.12 24.77 -8.62
C LYS E 211 17.84 24.62 -9.97
N MET E 212 18.94 23.88 -10.00
CA MET E 212 19.71 23.83 -11.19
C MET E 212 18.89 23.03 -12.21
N LEU E 213 18.21 21.96 -11.76
CA LEU E 213 17.32 21.13 -12.64
C LEU E 213 16.23 21.93 -13.33
N MET E 214 15.67 22.91 -12.60
CA MET E 214 14.56 23.65 -13.10
C MET E 214 15.06 24.57 -14.23
N ASN E 215 16.37 24.83 -14.26
CA ASN E 215 17.02 25.62 -15.31
C ASN E 215 17.52 24.74 -16.44
N LEU E 216 17.25 23.45 -16.37
CA LEU E 216 17.68 22.48 -17.38
C LEU E 216 16.56 21.67 -18.07
N HIS E 217 15.37 22.25 -18.23
CA HIS E 217 14.17 21.49 -18.66
C HIS E 217 13.42 22.26 -19.81
N LYS E 218 13.34 23.59 -19.73
CA LYS E 218 12.57 24.39 -20.75
C LYS E 218 12.91 25.88 -20.78
N VAL F 3 18.03 33.73 8.90
CA VAL F 3 18.48 32.28 8.92
C VAL F 3 17.37 31.44 9.58
N GLN F 4 17.11 30.28 9.01
CA GLN F 4 15.88 29.59 9.26
C GLN F 4 15.97 28.71 10.53
N LEU F 5 17.13 28.05 10.75
CA LEU F 5 17.35 27.29 11.95
C LEU F 5 18.09 28.11 12.94
N GLN F 6 17.60 28.08 14.20
CA GLN F 6 18.22 28.75 15.36
C GLN F 6 18.48 27.69 16.44
N GLU F 7 19.75 27.42 16.78
CA GLU F 7 20.12 26.47 17.81
C GLU F 7 20.15 27.20 19.12
N SER F 8 19.93 26.46 20.20
CA SER F 8 20.27 26.98 21.53
C SER F 8 20.52 25.83 22.48
N GLY F 9 20.91 26.18 23.71
CA GLY F 9 21.14 25.17 24.75
C GLY F 9 22.64 25.04 24.92
N GLY F 10 23.07 24.25 25.87
CA GLY F 10 24.54 24.24 26.02
C GLY F 10 25.40 25.55 26.09
N GLY F 11 26.69 25.34 26.21
CA GLY F 11 27.54 26.30 26.91
C GLY F 11 28.57 25.41 27.56
N LEU F 12 28.93 25.73 28.80
CA LEU F 12 29.99 25.03 29.50
C LEU F 12 29.43 23.96 30.39
N VAL F 13 29.98 22.75 30.40
CA VAL F 13 29.53 21.71 31.37
C VAL F 13 30.74 20.95 31.83
N PRO F 14 30.66 20.30 33.02
CA PRO F 14 31.81 19.55 33.45
C PRO F 14 31.74 18.22 32.79
N ALA F 15 32.84 17.47 32.78
CA ALA F 15 32.82 16.11 32.18
C ALA F 15 31.88 15.18 32.97
N GLY F 16 31.07 14.34 32.27
CA GLY F 16 30.04 13.55 33.01
C GLY F 16 28.67 14.28 33.08
N GLY F 17 28.65 15.58 32.76
CA GLY F 17 27.41 16.30 32.87
C GLY F 17 26.53 16.11 31.65
N SER F 18 25.53 16.96 31.58
CA SER F 18 24.46 16.82 30.57
C SER F 18 24.11 18.16 29.99
N LEU F 19 23.68 18.21 28.73
CA LEU F 19 23.03 19.40 28.19
C LEU F 19 21.93 18.95 27.27
N ARG F 20 20.94 19.80 27.05
CA ARG F 20 19.98 19.50 25.98
C ARG F 20 20.07 20.64 24.96
N LEU F 21 20.39 20.35 23.72
CA LEU F 21 20.37 21.38 22.63
C LEU F 21 19.01 21.46 21.93
N SER F 22 18.69 22.61 21.37
CA SER F 22 17.39 22.82 20.79
C SER F 22 17.64 23.47 19.44
N CYS F 23 16.81 23.14 18.47
CA CYS F 23 16.84 23.92 17.25
C CYS F 23 15.47 24.08 16.70
N VAL F 24 15.09 25.32 16.46
CA VAL F 24 13.77 25.65 15.89
C VAL F 24 13.84 26.04 14.40
N ASP F 25 12.91 25.53 13.62
CA ASP F 25 12.84 25.78 12.19
C ASP F 25 11.71 26.75 11.89
N SER F 26 12.02 27.95 11.41
CA SER F 26 11.01 28.85 10.86
C SER F 26 10.19 28.28 9.68
N GLY F 27 10.77 27.36 8.92
CA GLY F 27 10.15 26.90 7.69
C GLY F 27 9.93 28.09 6.77
N ARG F 28 10.85 29.06 6.84
CA ARG F 28 10.76 30.28 6.04
C ARG F 28 10.98 30.08 4.52
N THR F 29 11.87 29.15 4.11
CA THR F 29 12.03 28.87 2.66
C THR F 29 12.29 27.39 2.28
N PHE F 30 12.95 26.64 3.17
CA PHE F 30 13.32 25.22 2.92
C PHE F 30 12.35 24.28 3.62
N SER F 31 11.90 23.22 2.92
CA SER F 31 10.86 22.31 3.46
C SER F 31 11.28 20.84 3.78
N SER F 32 12.02 20.70 4.86
CA SER F 32 12.64 19.45 5.22
C SER F 32 11.71 18.29 5.67
N THR F 33 12.19 17.08 5.43
CA THR F 33 11.64 15.89 6.01
C THR F 33 12.62 15.23 6.98
N VAL F 34 13.86 15.77 7.07
CA VAL F 34 14.89 15.20 7.89
C VAL F 34 15.58 16.33 8.63
N MET F 35 15.86 16.16 9.91
CA MET F 35 16.76 17.07 10.61
C MET F 35 17.92 16.27 11.25
N ALA F 36 19.05 16.92 11.41
CA ALA F 36 20.25 16.26 11.92
C ALA F 36 21.10 17.25 12.78
N TRP F 37 22.00 16.72 13.58
CA TRP F 37 22.98 17.48 14.31
C TRP F 37 24.34 17.11 13.76
N PHE F 38 25.19 18.12 13.57
CA PHE F 38 26.56 17.86 13.18
C PHE F 38 27.34 18.63 14.26
N ARG F 39 28.63 18.40 14.30
CA ARG F 39 29.52 19.15 15.13
C ARG F 39 30.84 19.33 14.45
N GLN F 40 31.49 20.41 14.80
CA GLN F 40 32.77 20.66 14.22
C GLN F 40 33.68 21.21 15.26
N ALA F 41 34.72 20.48 15.52
CA ALA F 41 35.69 20.92 16.47
C ALA F 41 36.81 21.72 15.75
N PRO F 42 37.46 22.66 16.46
CA PRO F 42 38.49 23.43 15.73
C PRO F 42 39.60 22.49 15.29
N GLY F 43 39.94 22.53 14.01
CA GLY F 43 40.93 21.62 13.47
C GLY F 43 40.32 20.59 12.57
N LYS F 44 39.11 20.12 12.93
CA LYS F 44 38.44 18.99 12.23
C LYS F 44 37.29 19.40 11.30
N GLU F 45 36.93 18.54 10.35
CA GLU F 45 35.78 18.83 9.48
C GLU F 45 34.46 18.48 10.21
N ARG F 46 33.31 18.97 9.72
CA ARG F 46 31.99 18.52 10.22
C ARG F 46 31.97 17.01 10.44
N GLU F 47 31.40 16.62 11.56
CA GLU F 47 31.25 15.22 11.87
C GLU F 47 29.73 15.04 12.13
N PHE F 48 29.18 13.98 11.56
CA PHE F 48 27.78 13.66 11.72
C PHE F 48 27.58 13.22 13.22
N VAL F 49 26.48 13.64 13.83
CA VAL F 49 26.16 13.23 15.21
C VAL F 49 24.90 12.36 15.27
N ALA F 50 23.78 12.90 14.79
CA ALA F 50 22.50 12.18 14.84
C ALA F 50 21.56 12.69 13.75
N THR F 51 20.58 11.85 13.37
CA THR F 51 19.59 12.36 12.43
C THR F 51 18.24 11.68 12.74
N ILE F 52 17.16 12.35 12.34
CA ILE F 52 15.78 11.98 12.58
C ILE F 52 14.88 12.42 11.43
N ARG F 53 13.91 11.56 11.12
CA ARG F 53 12.74 11.94 10.23
C ARG F 53 11.59 12.67 10.94
N TRP F 54 11.24 13.90 10.51
CA TRP F 54 10.05 14.57 11.07
C TRP F 54 8.91 13.58 11.20
N SER F 55 8.64 12.85 10.13
CA SER F 55 7.46 12.02 10.06
C SER F 55 7.83 10.63 10.58
N GLY F 56 7.34 10.33 11.77
CA GLY F 56 7.55 8.99 12.26
C GLY F 56 8.77 8.84 13.14
N GLY F 57 9.69 9.80 13.05
CA GLY F 57 10.68 9.87 14.11
C GLY F 57 11.78 8.79 14.17
N ASN F 58 12.03 8.00 13.08
CA ASN F 58 13.17 7.08 12.99
C ASN F 58 14.50 7.84 13.25
N THR F 59 15.46 7.23 13.91
CA THR F 59 16.69 8.00 14.24
C THR F 59 17.91 7.14 13.95
N TYR F 60 19.05 7.79 13.67
CA TYR F 60 20.30 7.09 13.44
C TYR F 60 21.43 7.88 14.08
N TYR F 61 22.43 7.23 14.65
CA TYR F 61 23.45 7.93 15.49
C TYR F 61 24.85 7.56 15.01
N ALA F 62 25.80 8.44 15.23
CA ALA F 62 27.19 8.09 15.04
C ALA F 62 27.59 7.15 16.14
N ASP F 63 28.49 6.21 15.83
CA ASP F 63 29.08 5.32 16.86
C ASP F 63 29.64 5.97 18.12
N SER F 64 30.23 7.16 18.01
CA SER F 64 30.89 7.74 19.16
C SER F 64 29.88 8.38 20.11
N VAL F 65 28.61 8.36 19.74
CA VAL F 65 27.61 8.98 20.55
C VAL F 65 26.50 8.05 21.03
N LYS F 66 26.45 6.87 20.41
CA LYS F 66 25.48 5.83 20.73
C LYS F 66 25.40 5.53 22.19
N GLY F 67 24.17 5.47 22.69
CA GLY F 67 23.94 5.22 24.11
C GLY F 67 24.19 6.41 25.02
N ARG F 68 24.51 7.58 24.50
CA ARG F 68 24.68 8.77 25.34
C ARG F 68 23.83 9.96 24.91
N PHE F 69 23.69 10.16 23.60
CA PHE F 69 22.95 11.30 23.05
C PHE F 69 21.62 10.74 22.55
N THR F 70 20.56 11.52 22.58
CA THR F 70 19.27 11.09 22.00
C THR F 70 18.79 12.27 21.22
N ILE F 71 18.38 12.00 19.99
CA ILE F 71 17.72 12.95 19.18
C ILE F 71 16.22 12.70 19.22
N SER F 72 15.43 13.80 19.22
CA SER F 72 13.99 13.69 19.17
C SER F 72 13.44 14.98 18.58
N ARG F 73 12.14 15.01 18.25
CA ARG F 73 11.54 16.12 17.52
C ARG F 73 10.16 16.37 18.03
N ASP F 74 9.74 17.63 18.03
CA ASP F 74 8.39 18.07 18.40
C ASP F 74 7.88 18.68 17.11
N ASN F 75 7.28 17.84 16.26
CA ASN F 75 6.66 18.26 15.01
C ASN F 75 5.69 19.42 15.13
N ALA F 76 4.80 19.42 16.13
CA ALA F 76 3.80 20.44 16.15
C ALA F 76 4.44 21.82 16.33
N ARG F 77 5.67 21.85 16.86
CA ARG F 77 6.36 23.13 17.16
C ARG F 77 7.69 23.25 16.44
N ASN F 78 7.82 22.51 15.34
CA ASN F 78 8.95 22.50 14.49
C ASN F 78 10.30 22.59 15.17
N THR F 79 10.51 21.76 16.22
CA THR F 79 11.72 21.82 17.05
C THR F 79 12.35 20.42 17.13
N VAL F 80 13.65 20.38 17.12
CA VAL F 80 14.43 19.17 17.22
C VAL F 80 15.37 19.31 18.44
N TYR F 81 15.59 18.22 19.16
CA TYR F 81 16.38 18.25 20.39
C TYR F 81 17.52 17.30 20.32
N LEU F 82 18.64 17.69 20.93
CA LEU F 82 19.73 16.74 21.12
C LEU F 82 19.95 16.68 22.64
N GLN F 83 19.59 15.56 23.27
CA GLN F 83 19.86 15.34 24.69
C GLN F 83 21.25 14.70 24.83
N MET F 84 22.20 15.38 25.49
CA MET F 84 23.57 14.93 25.53
C MET F 84 23.92 14.55 26.99
N ASN F 85 24.02 13.24 27.26
CA ASN F 85 24.41 12.77 28.64
C ASN F 85 25.88 12.25 28.63
N SER F 86 26.47 12.14 29.83
CA SER F 86 27.79 11.54 30.02
C SER F 86 28.79 12.23 29.10
N LEU F 87 28.77 13.56 29.09
CA LEU F 87 29.60 14.34 28.20
C LEU F 87 31.08 14.13 28.51
N LYS F 88 31.92 14.13 27.45
CA LYS F 88 33.34 13.86 27.55
C LYS F 88 34.04 15.06 26.92
N PRO F 89 35.28 15.35 27.33
CA PRO F 89 35.99 16.50 26.74
C PRO F 89 36.08 16.41 25.21
N GLU F 90 36.06 15.20 24.63
CA GLU F 90 36.09 15.09 23.15
C GLU F 90 34.78 15.48 22.47
N ASP F 91 33.72 15.68 23.25
CA ASP F 91 32.47 16.23 22.72
C ASP F 91 32.46 17.74 22.45
N THR F 92 33.57 18.41 22.81
CA THR F 92 33.63 19.83 22.76
C THR F 92 33.65 20.25 21.30
N ALA F 93 32.79 21.17 20.88
CA ALA F 93 32.67 21.48 19.48
C ALA F 93 31.58 22.55 19.27
N VAL F 94 31.56 23.19 18.09
CA VAL F 94 30.38 23.97 17.77
C VAL F 94 29.38 22.90 17.21
N TYR F 95 28.17 22.89 17.74
CA TYR F 95 27.09 21.96 17.29
C TYR F 95 26.11 22.71 16.35
N TYR F 96 25.76 22.07 15.22
CA TYR F 96 24.98 22.66 14.17
C TYR F 96 23.73 21.76 13.95
N CYS F 97 22.53 22.34 13.84
CA CYS F 97 21.44 21.55 13.30
C CYS F 97 21.37 21.82 11.77
N ALA F 98 20.80 20.90 11.02
CA ALA F 98 20.74 21.02 9.59
C ALA F 98 19.48 20.37 9.17
N GLY F 99 18.91 20.78 8.04
CA GLY F 99 17.65 20.17 7.59
C GLY F 99 17.82 19.77 6.14
N GLY F 100 17.03 18.81 5.67
CA GLY F 100 16.92 18.62 4.21
C GLY F 100 15.98 17.41 3.94
N THR F 101 16.22 16.72 2.81
CA THR F 101 15.41 15.53 2.48
C THR F 101 16.20 14.24 2.45
N TYR F 102 17.48 14.34 2.81
CA TYR F 102 18.38 13.17 2.74
C TYR F 102 18.51 12.56 4.15
N TYR F 103 18.13 11.31 4.32
CA TYR F 103 18.31 10.66 5.59
C TYR F 103 19.68 9.94 5.56
N GLY F 104 20.71 10.56 6.16
CA GLY F 104 22.00 10.05 6.14
C GLY F 104 22.97 11.03 6.75
N THR F 105 24.24 10.75 6.54
CA THR F 105 25.27 11.33 7.36
C THR F 105 26.13 12.30 6.52
N LEU F 106 25.83 12.48 5.23
CA LEU F 106 26.68 13.36 4.38
C LEU F 106 26.29 14.82 4.48
N SER F 107 27.21 15.65 4.98
CA SER F 107 26.84 17.00 5.25
C SER F 107 26.41 17.77 4.00
N TYR F 108 27.04 17.53 2.83
CA TYR F 108 26.77 18.36 1.66
C TYR F 108 25.38 17.89 1.10
N LYS F 109 24.78 16.84 1.65
CA LYS F 109 23.37 16.46 1.23
C LYS F 109 22.24 17.17 2.03
N TYR F 110 22.65 17.91 3.03
CA TYR F 110 21.68 18.74 3.77
C TYR F 110 21.41 20.08 3.09
N ASP F 111 20.20 20.65 3.22
CA ASP F 111 19.90 21.88 2.49
C ASP F 111 20.13 23.21 3.21
N PHE F 112 20.02 23.23 4.53
CA PHE F 112 20.21 24.45 5.29
C PHE F 112 20.69 24.19 6.71
N TRP F 113 21.31 25.21 7.30
CA TRP F 113 22.12 25.05 8.48
C TRP F 113 21.78 26.19 9.46
N GLY F 114 21.86 25.89 10.75
CA GLY F 114 21.89 26.90 11.76
C GLY F 114 23.27 27.50 11.84
N ARG F 115 23.51 28.35 12.79
CA ARG F 115 24.80 29.04 12.84
C ARG F 115 25.70 28.40 13.85
N GLY F 116 25.19 27.44 14.60
CA GLY F 116 26.02 26.63 15.45
C GLY F 116 25.87 27.13 16.89
N THR F 117 26.00 26.24 17.86
CA THR F 117 26.02 26.64 19.24
C THR F 117 27.24 25.98 19.94
N GLN F 118 28.06 26.74 20.69
CA GLN F 118 29.28 26.16 21.30
C GLN F 118 28.93 25.25 22.45
N VAL F 119 29.45 24.03 22.47
CA VAL F 119 29.45 23.16 23.68
C VAL F 119 30.90 23.01 24.17
N THR F 120 31.19 23.37 25.43
CA THR F 120 32.54 23.15 25.99
C THR F 120 32.42 22.15 27.15
N VAL F 121 33.05 21.00 27.04
CA VAL F 121 33.10 20.05 28.14
C VAL F 121 34.44 20.19 28.80
N SER F 122 34.39 20.51 30.08
CA SER F 122 35.59 20.80 30.81
C SER F 122 36.45 19.55 30.87
N SER F 123 37.73 19.78 30.79
CA SER F 123 38.64 18.68 30.88
C SER F 123 39.27 18.62 32.31
N HIS F 124 38.96 19.60 33.14
CA HIS F 124 39.50 19.61 34.50
C HIS F 124 38.37 19.30 35.50
N HIS F 125 37.19 19.88 35.28
CA HIS F 125 36.07 19.77 36.26
C HIS F 125 35.13 18.65 35.82
N HIS F 126 34.80 17.75 36.77
CA HIS F 126 33.87 16.63 36.60
C HIS F 126 32.64 16.83 37.46
N HIS F 127 31.58 16.14 37.05
CA HIS F 127 30.25 16.26 37.58
C HIS F 127 30.17 15.34 38.77
ZN ZN G . -9.58 -19.83 21.60
K K H . 24.58 31.71 -17.67
ZN ZN I . 20.18 -9.33 -15.62
#